data_9DUC
#
_entry.id   9DUC
#
_cell.length_a   82.106
_cell.length_b   82.106
_cell.length_c   237.927
_cell.angle_alpha   90.00
_cell.angle_beta   90.00
_cell.angle_gamma   90.00
#
_symmetry.space_group_name_H-M   'P 43 21 2'
#
loop_
_entity.id
_entity.type
_entity.pdbx_description
1 polymer Glucokinase
2 non-polymer 'PHOSPHATE ION'
3 water water
#
_entity_poly.entity_id   1
_entity_poly.type   'polypeptide(L)'
_entity_poly.pdbx_seq_one_letter_code
;MTKYALVGDVGGTNARLALCDIASGEISQAKTYSGLDYPSLEAVIRVYLEEHKVEVKDGCIAIACPITGDWVAMTNHTWA
FSIAEMKKNLGFSHLEIINDFTAVSMAIPMLKKEHLIQFGGAEPVEGKPIAVYGAGTGLGVAHLVHVDKRWVSLPGEGGH
VDFAPNSEEEAIILEILRAEIGHVSAERVLSGPGLVNLYRAIVKADNRLPENLKPKDITERALADSCTDCRRALSLFCVI
MGRFGGNLALNLGTFGGVFIAGGIVPRFLEFFKASGFRAAFEDKGRFKEYVHDIPVYLIVHDNPGLLGSGAHLRQTLGHI
LHHHHHH
;
_entity_poly.pdbx_strand_id   A,B
#
loop_
_chem_comp.id
_chem_comp.type
_chem_comp.name
_chem_comp.formula
PO4 non-polymer 'PHOSPHATE ION' 'O4 P -3'
#
# COMPACT_ATOMS: atom_id res chain seq x y z
N THR A 2 2.58 16.70 -34.31
CA THR A 2 1.36 17.49 -34.21
C THR A 2 1.32 18.28 -32.90
N LYS A 3 0.69 19.44 -32.94
CA LYS A 3 0.70 20.33 -31.77
C LYS A 3 -0.32 19.91 -30.71
N TYR A 4 -1.48 19.42 -31.13
CA TYR A 4 -2.59 19.15 -30.23
C TYR A 4 -2.90 17.66 -30.18
N ALA A 5 -3.27 17.20 -28.98
CA ALA A 5 -3.82 15.87 -28.79
C ALA A 5 -5.12 15.99 -28.03
N LEU A 6 -6.05 15.07 -28.30
CA LEU A 6 -7.33 15.07 -27.62
C LEU A 6 -7.19 14.38 -26.27
N VAL A 7 -7.77 14.99 -25.24
CA VAL A 7 -7.85 14.39 -23.92
C VAL A 7 -9.31 14.39 -23.49
N GLY A 8 -9.66 13.43 -22.65
CA GLY A 8 -11.06 13.25 -22.29
C GLY A 8 -11.22 12.73 -20.88
N ASP A 9 -12.37 13.06 -20.28
CA ASP A 9 -12.73 12.62 -18.93
C ASP A 9 -14.20 12.25 -18.97
N VAL A 10 -14.49 10.96 -19.08
CA VAL A 10 -15.85 10.45 -19.28
C VAL A 10 -16.34 9.82 -17.98
N GLY A 11 -17.56 10.18 -17.59
CA GLY A 11 -18.19 9.59 -16.43
C GLY A 11 -19.45 8.82 -16.77
N GLY A 12 -20.38 8.73 -15.83
CA GLY A 12 -21.58 7.94 -16.05
C GLY A 12 -22.48 8.51 -17.14
N THR A 13 -22.68 9.84 -17.12
CA THR A 13 -23.61 10.48 -18.04
C THR A 13 -22.99 11.55 -18.91
N ASN A 14 -21.84 12.12 -18.53
CA ASN A 14 -21.26 13.24 -19.23
C ASN A 14 -19.85 12.90 -19.69
N ALA A 15 -19.46 13.47 -20.83
CA ALA A 15 -18.12 13.30 -21.38
C ALA A 15 -17.52 14.67 -21.63
N ARG A 16 -16.42 14.97 -20.93
CA ARG A 16 -15.69 16.21 -21.12
C ARG A 16 -14.47 15.93 -22.01
N LEU A 17 -14.36 16.68 -23.10
CA LEU A 17 -13.25 16.54 -24.04
C LEU A 17 -12.57 17.89 -24.18
N ALA A 18 -11.26 17.84 -24.45
CA ALA A 18 -10.47 19.06 -24.59
C ALA A 18 -9.20 18.74 -25.36
N LEU A 19 -8.44 19.80 -25.66
CA LEU A 19 -7.19 19.69 -26.39
C LEU A 19 -6.02 19.87 -25.44
N CYS A 20 -4.93 19.17 -25.75
CA CYS A 20 -3.71 19.22 -24.95
C CYS A 20 -2.54 19.60 -25.85
N ASP A 21 -1.89 20.71 -25.52
CA ASP A 21 -0.65 21.08 -26.20
C ASP A 21 0.43 20.08 -25.82
N ILE A 22 0.86 19.28 -26.79
CA ILE A 22 1.82 18.21 -26.53
C ILE A 22 3.13 18.74 -26.01
N ALA A 23 3.46 20.01 -26.27
CA ALA A 23 4.68 20.61 -25.76
C ALA A 23 4.54 21.12 -24.34
N SER A 24 3.40 21.73 -23.99
CA SER A 24 3.22 22.37 -22.69
C SER A 24 2.37 21.58 -21.71
N GLY A 25 1.51 20.69 -22.19
CA GLY A 25 0.55 20.04 -21.32
C GLY A 25 -0.67 20.87 -20.99
N GLU A 26 -0.79 22.06 -21.59
CA GLU A 26 -1.92 22.94 -21.31
C GLU A 26 -3.21 22.37 -21.89
N ILE A 27 -4.29 22.48 -21.12
CA ILE A 27 -5.61 22.01 -21.53
C ILE A 27 -6.43 23.21 -21.97
N SER A 28 -7.06 23.12 -23.14
CA SER A 28 -7.84 24.22 -23.69
C SER A 28 -9.04 23.69 -24.45
N GLN A 29 -10.01 24.58 -24.66
CA GLN A 29 -11.20 24.31 -25.47
C GLN A 29 -11.98 23.10 -24.95
N ALA A 30 -12.24 23.11 -23.64
CA ALA A 30 -12.94 22.01 -22.99
C ALA A 30 -14.45 22.19 -23.13
N LYS A 31 -15.12 21.11 -23.54
CA LYS A 31 -16.57 21.10 -23.68
C LYS A 31 -17.13 19.81 -23.09
N THR A 32 -18.27 19.92 -22.42
CA THR A 32 -18.93 18.77 -21.83
C THR A 32 -20.13 18.37 -22.68
N TYR A 33 -20.24 17.08 -22.96
CA TYR A 33 -21.34 16.52 -23.73
C TYR A 33 -22.07 15.48 -22.89
N SER A 34 -23.39 15.40 -23.05
CA SER A 34 -24.19 14.42 -22.36
C SER A 34 -24.26 13.14 -23.19
N GLY A 35 -23.96 12.01 -22.54
CA GLY A 35 -23.96 10.73 -23.24
C GLY A 35 -25.33 10.21 -23.61
N LEU A 36 -26.40 10.89 -23.20
CA LEU A 36 -27.74 10.50 -23.61
C LEU A 36 -28.11 11.00 -25.00
N ASP A 37 -27.41 12.01 -25.50
CA ASP A 37 -27.71 12.59 -26.79
C ASP A 37 -26.85 12.03 -27.92
N TYR A 38 -25.85 11.21 -27.60
CA TYR A 38 -24.97 10.65 -28.62
C TYR A 38 -24.92 9.13 -28.48
N PRO A 39 -24.86 8.40 -29.61
CA PRO A 39 -24.92 6.94 -29.53
C PRO A 39 -23.63 6.27 -29.09
N SER A 40 -22.48 6.94 -29.20
CA SER A 40 -21.21 6.32 -28.87
C SER A 40 -20.23 7.40 -28.44
N LEU A 41 -19.16 6.98 -27.77
CA LEU A 41 -18.08 7.90 -27.45
C LEU A 41 -17.36 8.37 -28.71
N GLU A 42 -17.27 7.50 -29.72
CA GLU A 42 -16.73 7.88 -31.02
C GLU A 42 -17.48 9.08 -31.60
N ALA A 43 -18.82 9.06 -31.52
CA ALA A 43 -19.62 10.15 -32.07
C ALA A 43 -19.30 11.48 -31.40
N VAL A 44 -19.12 11.46 -30.07
CA VAL A 44 -18.79 12.69 -29.35
C VAL A 44 -17.43 13.22 -29.77
N ILE A 45 -16.45 12.33 -29.92
CA ILE A 45 -15.12 12.76 -30.33
C ILE A 45 -15.16 13.38 -31.72
N ARG A 46 -15.96 12.81 -32.62
CA ARG A 46 -16.04 13.33 -33.98
C ARG A 46 -16.65 14.72 -34.02
N VAL A 47 -17.76 14.93 -33.29
CA VAL A 47 -18.38 16.25 -33.31
C VAL A 47 -17.48 17.28 -32.65
N TYR A 48 -16.72 16.89 -31.63
CA TYR A 48 -15.78 17.81 -31.01
C TYR A 48 -14.70 18.23 -32.01
N LEU A 49 -14.13 17.28 -32.74
CA LEU A 49 -13.02 17.58 -33.63
C LEU A 49 -13.48 18.33 -34.88
N GLU A 50 -14.77 18.25 -35.23
CA GLU A 50 -15.30 19.01 -36.36
C GLU A 50 -15.80 20.38 -35.96
N GLU A 51 -16.31 20.53 -34.73
CA GLU A 51 -16.75 21.81 -34.22
C GLU A 51 -15.62 22.62 -33.60
N HIS A 52 -14.42 22.04 -33.52
CA HIS A 52 -13.22 22.78 -33.12
C HIS A 52 -12.15 22.83 -34.20
N LYS A 53 -12.30 22.03 -35.28
CA LYS A 53 -11.44 22.11 -36.46
C LYS A 53 -9.95 22.04 -36.11
N VAL A 54 -9.53 20.90 -35.57
CA VAL A 54 -8.24 20.79 -34.88
C VAL A 54 -7.33 19.72 -35.49
N GLU A 55 -7.89 18.54 -35.82
CA GLU A 55 -7.10 17.44 -36.39
C GLU A 55 -6.01 16.82 -35.49
N VAL A 56 -6.40 15.99 -34.51
CA VAL A 56 -5.45 15.29 -33.64
C VAL A 56 -5.09 13.92 -34.22
N LYS A 57 -3.91 13.43 -33.82
CA LYS A 57 -3.42 12.09 -34.17
C LYS A 57 -3.30 11.16 -32.97
N ASP A 58 -3.13 11.71 -31.77
CA ASP A 58 -3.06 10.92 -30.54
C ASP A 58 -4.14 11.39 -29.58
N GLY A 59 -4.56 10.49 -28.71
CA GLY A 59 -5.60 10.82 -27.73
C GLY A 59 -5.45 9.98 -26.49
N CYS A 60 -5.97 10.51 -25.38
CA CYS A 60 -5.98 9.80 -24.10
C CYS A 60 -7.24 10.18 -23.34
N ILE A 61 -8.05 9.19 -22.98
CA ILE A 61 -9.35 9.43 -22.36
C ILE A 61 -9.38 8.70 -21.02
N ALA A 62 -9.78 9.42 -19.98
CA ALA A 62 -9.98 8.84 -18.67
C ALA A 62 -11.44 8.46 -18.48
N ILE A 63 -11.69 7.22 -18.06
CA ILE A 63 -13.03 6.67 -17.96
C ILE A 63 -13.27 6.20 -16.53
N ALA A 64 -14.46 6.49 -16.00
CA ALA A 64 -14.82 6.15 -14.63
C ALA A 64 -15.33 4.71 -14.53
N CYS A 65 -14.45 3.78 -14.89
CA CYS A 65 -14.70 2.35 -14.77
C CYS A 65 -13.37 1.63 -14.88
N PRO A 66 -13.26 0.43 -14.30
CA PRO A 66 -11.99 -0.31 -14.40
C PRO A 66 -11.67 -0.68 -15.84
N ILE A 67 -10.39 -0.55 -16.20
CA ILE A 67 -9.92 -0.86 -17.54
C ILE A 67 -9.22 -2.22 -17.46
N THR A 68 -9.92 -3.27 -17.83
CA THR A 68 -9.41 -4.64 -17.83
C THR A 68 -9.59 -5.21 -19.23
N GLY A 69 -8.59 -5.01 -20.08
CA GLY A 69 -8.61 -5.57 -21.41
C GLY A 69 -9.02 -4.58 -22.48
N ASP A 70 -9.20 -5.11 -23.70
CA ASP A 70 -9.54 -4.27 -24.83
C ASP A 70 -10.97 -3.75 -24.75
N TRP A 71 -11.87 -4.50 -24.12
CA TRP A 71 -13.27 -4.10 -24.03
C TRP A 71 -13.47 -3.25 -22.79
N VAL A 72 -14.02 -2.05 -22.97
CA VAL A 72 -14.28 -1.12 -21.88
C VAL A 72 -15.77 -1.18 -21.58
N ALA A 73 -16.12 -1.76 -20.44
CA ALA A 73 -17.52 -1.91 -20.01
C ALA A 73 -17.81 -0.84 -18.97
N MET A 74 -18.52 0.21 -19.38
CA MET A 74 -18.80 1.34 -18.53
C MET A 74 -20.17 1.20 -17.87
N THR A 75 -20.61 2.26 -17.20
CA THR A 75 -21.95 2.30 -16.63
C THR A 75 -22.99 2.64 -17.70
N ASN A 76 -22.65 3.55 -18.61
CA ASN A 76 -23.50 3.79 -19.78
C ASN A 76 -23.31 2.64 -20.75
N HIS A 77 -24.16 1.61 -20.62
CA HIS A 77 -23.91 0.35 -21.33
C HIS A 77 -23.97 0.52 -22.84
N THR A 78 -24.75 1.49 -23.33
CA THR A 78 -24.79 1.75 -24.77
C THR A 78 -23.43 2.19 -25.30
N TRP A 79 -22.56 2.71 -24.43
CA TRP A 79 -21.26 3.22 -24.83
C TRP A 79 -20.13 2.21 -24.68
N ALA A 80 -20.41 0.99 -24.26
CA ALA A 80 -19.37 -0.02 -24.16
C ALA A 80 -18.74 -0.26 -25.52
N PHE A 81 -17.41 -0.19 -25.58
CA PHE A 81 -16.70 -0.19 -26.84
C PHE A 81 -15.39 -0.97 -26.70
N SER A 82 -14.77 -1.24 -27.84
CA SER A 82 -13.45 -1.87 -27.89
C SER A 82 -12.41 -0.80 -28.17
N ILE A 83 -11.31 -0.83 -27.41
CA ILE A 83 -10.25 0.15 -27.58
C ILE A 83 -9.64 0.06 -28.97
N ALA A 84 -9.30 -1.15 -29.40
CA ALA A 84 -8.67 -1.33 -30.70
C ALA A 84 -9.61 -0.92 -31.83
N GLU A 85 -10.91 -1.21 -31.68
CA GLU A 85 -11.88 -0.83 -32.70
C GLU A 85 -11.97 0.68 -32.83
N MET A 86 -12.11 1.39 -31.70
CA MET A 86 -12.21 2.84 -31.73
C MET A 86 -10.94 3.47 -32.29
N LYS A 87 -9.78 2.91 -31.95
CA LYS A 87 -8.51 3.43 -32.45
C LYS A 87 -8.45 3.32 -33.98
N LYS A 88 -8.91 2.20 -34.52
CA LYS A 88 -8.91 2.04 -35.97
C LYS A 88 -9.95 2.94 -36.63
N ASN A 89 -11.14 3.07 -36.03
CA ASN A 89 -12.18 3.92 -36.60
C ASN A 89 -11.75 5.38 -36.64
N LEU A 90 -11.15 5.87 -35.57
CA LEU A 90 -10.72 7.26 -35.50
C LEU A 90 -9.42 7.54 -36.24
N GLY A 91 -8.69 6.49 -36.63
CA GLY A 91 -7.41 6.69 -37.29
C GLY A 91 -6.34 7.29 -36.40
N PHE A 92 -6.39 7.01 -35.10
CA PHE A 92 -5.38 7.52 -34.19
C PHE A 92 -4.14 6.63 -34.20
N SER A 93 -2.99 7.24 -33.93
CA SER A 93 -1.75 6.49 -33.79
C SER A 93 -1.53 6.00 -32.37
N HIS A 94 -1.97 6.77 -31.38
CA HIS A 94 -1.97 6.35 -29.99
C HIS A 94 -3.32 6.68 -29.38
N LEU A 95 -3.96 5.69 -28.76
CA LEU A 95 -5.21 5.88 -28.03
C LEU A 95 -5.05 5.21 -26.67
N GLU A 96 -4.65 5.98 -25.67
CA GLU A 96 -4.51 5.48 -24.31
C GLU A 96 -5.84 5.64 -23.59
N ILE A 97 -6.31 4.55 -22.98
CA ILE A 97 -7.53 4.55 -22.18
C ILE A 97 -7.14 4.18 -20.75
N ILE A 98 -7.38 5.11 -19.82
CA ILE A 98 -6.96 4.93 -18.44
C ILE A 98 -8.16 5.10 -17.53
N ASN A 99 -8.01 4.62 -16.30
CA ASN A 99 -9.04 4.80 -15.28
C ASN A 99 -9.09 6.25 -14.84
N ASP A 100 -10.29 6.69 -14.41
CA ASP A 100 -10.47 8.08 -14.01
C ASP A 100 -9.56 8.43 -12.84
N PHE A 101 -9.41 7.52 -11.87
CA PHE A 101 -8.54 7.81 -10.74
C PHE A 101 -7.06 7.70 -11.10
N THR A 102 -6.72 6.92 -12.12
CA THR A 102 -5.35 6.95 -12.62
C THR A 102 -5.00 8.32 -13.19
N ALA A 103 -5.92 8.90 -13.95
CA ALA A 103 -5.67 10.22 -14.55
C ALA A 103 -5.51 11.29 -13.49
N VAL A 104 -6.32 11.25 -12.43
CA VAL A 104 -6.22 12.25 -11.38
C VAL A 104 -4.85 12.17 -10.70
N SER A 105 -4.37 10.95 -10.46
CA SER A 105 -3.05 10.77 -9.86
C SER A 105 -1.94 11.29 -10.76
N MET A 106 -2.11 11.15 -12.08
CA MET A 106 -1.11 11.66 -13.01
C MET A 106 -1.17 13.18 -13.17
N ALA A 107 -2.17 13.84 -12.62
CA ALA A 107 -2.20 15.30 -12.62
C ALA A 107 -1.28 15.89 -11.56
N ILE A 108 -0.84 15.08 -10.59
CA ILE A 108 -0.01 15.60 -9.49
C ILE A 108 1.25 16.30 -10.00
N PRO A 109 2.05 15.73 -10.91
CA PRO A 109 3.25 16.44 -11.37
C PRO A 109 2.95 17.77 -12.06
N MET A 110 1.70 17.99 -12.48
CA MET A 110 1.34 19.22 -13.19
C MET A 110 0.80 20.32 -12.28
N LEU A 111 0.40 19.99 -11.06
CA LEU A 111 -0.33 20.92 -10.22
C LEU A 111 0.56 22.03 -9.68
N LYS A 112 0.04 23.25 -9.67
CA LYS A 112 0.71 24.40 -9.08
C LYS A 112 0.25 24.57 -7.64
N LYS A 113 0.85 25.56 -6.95
CA LYS A 113 0.54 25.77 -5.54
C LYS A 113 -0.90 26.23 -5.34
N GLU A 114 -1.46 26.98 -6.29
CA GLU A 114 -2.83 27.47 -6.15
C GLU A 114 -3.86 26.35 -6.26
N HIS A 115 -3.48 25.17 -6.74
CA HIS A 115 -4.40 24.04 -6.84
C HIS A 115 -4.34 23.12 -5.64
N LEU A 116 -3.53 23.43 -4.62
CA LEU A 116 -3.36 22.58 -3.46
C LEU A 116 -3.49 23.38 -2.18
N ILE A 117 -4.20 22.80 -1.21
CA ILE A 117 -4.28 23.34 0.14
C ILE A 117 -3.61 22.34 1.07
N GLN A 118 -2.52 22.74 1.71
CA GLN A 118 -1.79 21.84 2.59
C GLN A 118 -2.53 21.66 3.91
N PHE A 119 -2.51 20.43 4.41
CA PHE A 119 -3.08 20.11 5.73
C PHE A 119 -1.99 19.41 6.53
N GLY A 120 -1.15 20.20 7.19
CA GLY A 120 -0.08 19.68 8.01
C GLY A 120 1.11 19.19 7.19
N GLY A 121 2.13 18.76 7.93
CA GLY A 121 3.30 18.14 7.34
C GLY A 121 4.39 19.12 6.96
N ALA A 122 5.56 18.57 6.64
CA ALA A 122 6.73 19.32 6.22
C ALA A 122 6.78 19.38 4.69
N GLU A 123 7.91 19.78 4.14
CA GLU A 123 8.07 19.81 2.69
C GLU A 123 8.11 18.40 2.11
N PRO A 124 7.59 18.18 0.91
CA PRO A 124 7.70 16.86 0.27
C PRO A 124 9.14 16.54 -0.09
N VAL A 125 9.46 15.25 -0.08
CA VAL A 125 10.77 14.76 -0.47
C VAL A 125 10.68 14.31 -1.92
N GLU A 126 11.50 14.92 -2.79
CA GLU A 126 11.43 14.63 -4.20
C GLU A 126 11.90 13.21 -4.49
N GLY A 127 11.18 12.54 -5.39
CA GLY A 127 11.48 11.18 -5.76
C GLY A 127 10.89 10.11 -4.87
N LYS A 128 10.22 10.48 -3.79
CA LYS A 128 9.63 9.53 -2.87
C LYS A 128 8.19 9.22 -3.28
N PRO A 129 7.66 8.07 -2.86
CA PRO A 129 6.31 7.68 -3.28
C PRO A 129 5.24 8.65 -2.81
N ILE A 130 4.11 8.61 -3.53
CA ILE A 130 2.99 9.52 -3.30
C ILE A 130 1.71 8.68 -3.22
N ALA A 131 0.84 9.00 -2.27
CA ALA A 131 -0.45 8.35 -2.12
C ALA A 131 -1.56 9.32 -2.49
N VAL A 132 -2.53 8.82 -3.27
CA VAL A 132 -3.68 9.60 -3.71
C VAL A 132 -4.94 8.85 -3.33
N TYR A 133 -5.87 9.54 -2.68
CA TYR A 133 -7.18 8.97 -2.39
C TYR A 133 -8.23 10.06 -2.37
N GLY A 134 -9.46 9.70 -2.72
CA GLY A 134 -10.56 10.63 -2.75
C GLY A 134 -11.89 9.97 -2.45
N ALA A 135 -12.72 10.63 -1.66
CA ALA A 135 -14.02 10.10 -1.28
C ALA A 135 -15.09 10.83 -2.09
N GLY A 136 -15.65 10.13 -3.06
CA GLY A 136 -16.79 10.62 -3.82
C GLY A 136 -17.97 9.68 -3.69
N THR A 137 -18.47 9.19 -4.83
CA THR A 137 -19.45 8.11 -4.78
C THR A 137 -18.84 6.85 -4.17
N GLY A 138 -17.60 6.53 -4.55
CA GLY A 138 -16.84 5.47 -3.93
C GLY A 138 -15.53 6.00 -3.38
N LEU A 139 -14.62 5.10 -3.00
CA LEU A 139 -13.34 5.48 -2.42
C LEU A 139 -12.24 5.00 -3.36
N GLY A 140 -11.61 5.93 -4.06
CA GLY A 140 -10.52 5.62 -4.98
C GLY A 140 -9.18 5.78 -4.28
N VAL A 141 -8.27 4.83 -4.54
CA VAL A 141 -6.94 4.83 -3.97
C VAL A 141 -5.94 4.51 -5.08
N ALA A 142 -4.89 5.32 -5.19
CA ALA A 142 -3.83 5.09 -6.15
C ALA A 142 -2.52 5.54 -5.53
N HIS A 143 -1.41 5.09 -6.13
CA HIS A 143 -0.08 5.44 -5.67
C HIS A 143 0.79 5.86 -6.85
N LEU A 144 1.71 6.77 -6.58
CA LEU A 144 2.63 7.29 -7.59
C LEU A 144 4.06 7.02 -7.15
N VAL A 145 4.88 6.55 -8.09
CA VAL A 145 6.29 6.27 -7.86
C VAL A 145 7.09 6.91 -8.99
N HIS A 146 8.19 7.58 -8.63
CA HIS A 146 9.06 8.22 -9.61
C HIS A 146 10.29 7.35 -9.83
N VAL A 147 10.38 6.75 -11.01
CA VAL A 147 11.47 5.84 -11.36
C VAL A 147 12.04 6.26 -12.71
N ASP A 148 13.33 6.58 -12.72
CA ASP A 148 14.08 6.88 -13.93
C ASP A 148 13.42 8.00 -14.74
N LYS A 149 13.22 9.14 -14.07
CA LYS A 149 12.64 10.34 -14.66
C LYS A 149 11.22 10.11 -15.19
N ARG A 150 10.57 9.03 -14.77
CA ARG A 150 9.25 8.69 -15.27
C ARG A 150 8.30 8.48 -14.08
N TRP A 151 7.08 8.97 -14.24
CA TRP A 151 6.04 8.83 -13.22
C TRP A 151 5.16 7.64 -13.59
N VAL A 152 5.12 6.65 -12.72
CA VAL A 152 4.31 5.46 -12.94
C VAL A 152 3.19 5.45 -11.91
N SER A 153 1.98 5.10 -12.35
CA SER A 153 0.81 5.03 -11.50
C SER A 153 0.52 3.58 -11.16
N LEU A 154 0.29 3.32 -9.88
CA LEU A 154 -0.03 1.97 -9.41
C LEU A 154 -1.50 1.91 -9.02
N PRO A 155 -2.35 1.32 -9.85
CA PRO A 155 -3.78 1.25 -9.52
C PRO A 155 -4.07 0.11 -8.56
N GLY A 156 -5.26 0.18 -7.97
CA GLY A 156 -5.70 -0.86 -7.06
C GLY A 156 -7.11 -0.57 -6.59
N GLU A 157 -7.55 -1.38 -5.63
CA GLU A 157 -8.87 -1.20 -5.04
C GLU A 157 -8.72 -0.94 -3.54
N GLY A 158 -7.79 -0.05 -3.18
CA GLY A 158 -7.48 0.19 -1.78
C GLY A 158 -8.65 0.69 -0.97
N GLY A 159 -9.69 1.22 -1.62
CA GLY A 159 -10.87 1.66 -0.90
C GLY A 159 -11.71 0.54 -0.32
N HIS A 160 -11.38 -0.72 -0.61
CA HIS A 160 -12.14 -1.85 -0.13
C HIS A 160 -11.39 -2.70 0.89
N VAL A 161 -10.26 -2.21 1.40
CA VAL A 161 -9.62 -2.85 2.55
C VAL A 161 -10.52 -2.74 3.77
N ASP A 162 -10.31 -3.64 4.72
CA ASP A 162 -11.13 -3.64 5.92
C ASP A 162 -11.03 -2.31 6.66
N PHE A 163 -12.18 -1.76 7.02
CA PHE A 163 -12.21 -0.56 7.84
C PHE A 163 -11.60 -0.84 9.20
N ALA A 164 -10.73 0.06 9.66
CA ALA A 164 -9.99 -0.14 10.90
C ALA A 164 -10.44 0.86 11.96
N PRO A 165 -11.31 0.47 12.89
CA PRO A 165 -11.71 1.40 13.95
C PRO A 165 -10.59 1.59 14.96
N ASN A 166 -10.47 2.81 15.47
CA ASN A 166 -9.50 3.11 16.51
C ASN A 166 -10.17 3.48 17.84
N SER A 167 -11.01 4.50 17.84
CA SER A 167 -11.67 4.90 19.07
C SER A 167 -12.78 3.91 19.44
N GLU A 168 -13.26 4.02 20.67
CA GLU A 168 -14.39 3.21 21.09
C GLU A 168 -15.63 3.53 20.27
N GLU A 169 -15.83 4.81 19.96
CA GLU A 169 -16.98 5.20 19.14
C GLU A 169 -16.87 4.61 17.74
N GLU A 170 -15.66 4.55 17.18
CA GLU A 170 -15.49 3.93 15.87
C GLU A 170 -15.74 2.42 15.93
N ALA A 171 -15.44 1.80 17.06
CA ALA A 171 -15.67 0.36 17.19
C ALA A 171 -17.16 0.02 17.14
N ILE A 172 -17.99 0.82 17.81
CA ILE A 172 -19.42 0.53 17.80
C ILE A 172 -20.02 0.76 16.42
N ILE A 173 -19.44 1.68 15.64
CA ILE A 173 -19.90 1.86 14.26
C ILE A 173 -19.65 0.59 13.46
N LEU A 174 -18.48 -0.05 13.68
CA LEU A 174 -18.17 -1.28 12.98
C LEU A 174 -19.15 -2.39 13.33
N GLU A 175 -19.49 -2.53 14.62
CA GLU A 175 -20.44 -3.56 15.03
C GLU A 175 -21.80 -3.34 14.39
N ILE A 176 -22.26 -2.10 14.34
CA ILE A 176 -23.56 -1.80 13.75
C ILE A 176 -23.59 -2.17 12.26
N LEU A 177 -22.55 -1.76 11.53
CA LEU A 177 -22.52 -2.01 10.09
C LEU A 177 -22.26 -3.47 9.78
N ARG A 178 -21.42 -4.13 10.59
CA ARG A 178 -21.12 -5.55 10.35
C ARG A 178 -22.36 -6.41 10.46
N ALA A 179 -23.29 -6.06 11.35
CA ALA A 179 -24.54 -6.80 11.46
C ALA A 179 -25.42 -6.61 10.23
N GLU A 180 -25.24 -5.53 9.48
CA GLU A 180 -26.05 -5.27 8.29
C GLU A 180 -25.45 -5.93 7.05
N ILE A 181 -24.20 -5.59 6.73
CA ILE A 181 -23.60 -5.98 5.44
C ILE A 181 -22.51 -7.02 5.58
N GLY A 182 -22.06 -7.32 6.80
CA GLY A 182 -20.98 -8.28 6.97
C GLY A 182 -19.63 -7.63 6.91
N HIS A 183 -18.94 -7.77 5.78
CA HIS A 183 -17.64 -7.11 5.61
C HIS A 183 -17.84 -5.61 5.50
N VAL A 184 -17.06 -4.86 6.27
CA VAL A 184 -17.13 -3.40 6.29
C VAL A 184 -15.80 -2.87 5.78
N SER A 185 -15.79 -2.44 4.52
CA SER A 185 -14.61 -1.83 3.91
C SER A 185 -14.56 -0.34 4.26
N ALA A 186 -13.43 0.27 3.93
CA ALA A 186 -13.28 1.70 4.17
C ALA A 186 -14.23 2.52 3.31
N GLU A 187 -14.63 1.99 2.15
CA GLU A 187 -15.57 2.70 1.29
C GLU A 187 -16.93 2.88 1.97
N ARG A 188 -17.31 1.95 2.85
CA ARG A 188 -18.59 2.04 3.53
C ARG A 188 -18.68 3.21 4.50
N VAL A 189 -17.56 3.84 4.84
CA VAL A 189 -17.58 5.00 5.73
C VAL A 189 -17.02 6.23 5.02
N LEU A 190 -16.06 6.02 4.12
CA LEU A 190 -15.40 7.12 3.41
C LEU A 190 -15.95 7.25 2.00
N SER A 191 -17.18 7.78 1.90
CA SER A 191 -17.84 8.03 0.63
C SER A 191 -19.12 8.79 0.90
N GLY A 192 -19.79 9.17 -0.19
CA GLY A 192 -21.10 9.79 -0.10
C GLY A 192 -22.09 8.91 0.62
N PRO A 193 -22.26 7.66 0.15
CA PRO A 193 -23.05 6.69 0.93
C PRO A 193 -22.46 6.41 2.29
N GLY A 194 -21.14 6.56 2.46
CA GLY A 194 -20.53 6.36 3.76
C GLY A 194 -21.01 7.35 4.80
N LEU A 195 -21.35 8.57 4.38
CA LEU A 195 -21.93 9.54 5.31
C LEU A 195 -23.26 9.04 5.85
N VAL A 196 -24.12 8.51 4.96
CA VAL A 196 -25.40 7.97 5.39
C VAL A 196 -25.19 6.81 6.35
N ASN A 197 -24.26 5.92 6.03
CA ASN A 197 -23.98 4.78 6.90
C ASN A 197 -23.54 5.24 8.28
N LEU A 198 -22.64 6.24 8.34
CA LEU A 198 -22.22 6.77 9.62
C LEU A 198 -23.39 7.38 10.38
N TYR A 199 -24.25 8.13 9.69
CA TYR A 199 -25.39 8.74 10.34
C TYR A 199 -26.34 7.69 10.91
N ARG A 200 -26.63 6.64 10.13
CA ARG A 200 -27.53 5.60 10.62
C ARG A 200 -26.93 4.83 11.78
N ALA A 201 -25.62 4.57 11.74
CA ALA A 201 -24.98 3.82 12.82
C ALA A 201 -24.99 4.61 14.12
N ILE A 202 -24.80 5.93 14.04
CA ILE A 202 -24.77 6.75 15.24
C ILE A 202 -26.12 6.76 15.94
N VAL A 203 -27.20 6.98 15.17
CA VAL A 203 -28.54 7.02 15.77
C VAL A 203 -28.95 5.64 16.26
N LYS A 204 -28.56 4.59 15.54
CA LYS A 204 -28.86 3.23 15.99
C LYS A 204 -28.11 2.89 17.27
N ALA A 205 -26.91 3.43 17.44
CA ALA A 205 -26.17 3.24 18.68
C ALA A 205 -26.88 3.91 19.86
N ASP A 206 -27.63 4.98 19.59
CA ASP A 206 -28.36 5.70 20.63
C ASP A 206 -29.80 5.21 20.77
N ASN A 207 -30.11 4.03 20.25
CA ASN A 207 -31.42 3.41 20.40
C ASN A 207 -32.54 4.26 19.81
N ARG A 208 -32.26 4.90 18.68
CA ARG A 208 -33.24 5.71 17.97
C ARG A 208 -33.35 5.20 16.52
N LEU A 209 -34.26 5.82 15.76
CA LEU A 209 -34.53 5.37 14.41
C LEU A 209 -34.08 6.42 13.41
N PRO A 210 -33.26 6.04 12.43
CA PRO A 210 -32.77 7.02 11.45
C PRO A 210 -33.86 7.48 10.49
N GLU A 211 -33.62 8.62 9.87
CA GLU A 211 -34.43 9.12 8.78
C GLU A 211 -33.80 8.71 7.45
N ASN A 212 -34.59 8.84 6.39
CA ASN A 212 -34.13 8.51 5.03
C ASN A 212 -33.49 9.76 4.42
N LEU A 213 -32.22 9.95 4.75
CA LEU A 213 -31.46 11.12 4.33
C LEU A 213 -30.43 10.74 3.28
N LYS A 214 -30.18 11.66 2.37
CA LYS A 214 -29.13 11.54 1.36
C LYS A 214 -27.85 12.18 1.90
N PRO A 215 -26.70 11.90 1.26
CA PRO A 215 -25.46 12.54 1.71
C PRO A 215 -25.53 14.05 1.76
N LYS A 216 -26.21 14.67 0.80
CA LYS A 216 -26.33 16.14 0.81
C LYS A 216 -27.11 16.62 2.02
N ASP A 217 -28.07 15.83 2.50
CA ASP A 217 -28.78 16.19 3.73
C ASP A 217 -27.82 16.19 4.92
N ILE A 218 -26.98 15.17 5.05
CA ILE A 218 -26.09 15.08 6.20
C ILE A 218 -25.18 16.30 6.27
N THR A 219 -24.53 16.64 5.16
CA THR A 219 -23.63 17.79 5.15
C THR A 219 -24.38 19.07 5.44
N GLU A 220 -25.59 19.22 4.89
CA GLU A 220 -26.35 20.45 5.08
C GLU A 220 -26.70 20.67 6.55
N ARG A 221 -27.22 19.63 7.21
CA ARG A 221 -27.57 19.76 8.63
C ARG A 221 -26.32 19.96 9.49
N ALA A 222 -25.23 19.28 9.15
CA ALA A 222 -24.00 19.41 9.92
C ALA A 222 -23.44 20.82 9.81
N LEU A 223 -23.38 21.36 8.59
CA LEU A 223 -22.87 22.72 8.40
C LEU A 223 -23.79 23.75 9.05
N ALA A 224 -25.09 23.48 9.09
CA ALA A 224 -26.06 24.39 9.69
C ALA A 224 -26.26 24.16 11.18
N ASP A 225 -25.58 23.16 11.76
CA ASP A 225 -25.70 22.85 13.19
C ASP A 225 -27.14 22.55 13.58
N SER A 226 -27.91 22.00 12.66
CA SER A 226 -29.33 21.73 12.89
C SER A 226 -29.62 20.28 13.24
N CYS A 227 -28.62 19.41 13.23
CA CYS A 227 -28.81 18.01 13.58
C CYS A 227 -27.53 17.49 14.21
N THR A 228 -27.58 17.18 15.51
CA THR A 228 -26.40 16.67 16.21
C THR A 228 -25.97 15.32 15.64
N ASP A 229 -26.91 14.51 15.16
CA ASP A 229 -26.55 13.24 14.54
C ASP A 229 -25.73 13.46 13.28
N CYS A 230 -26.17 14.39 12.42
CA CYS A 230 -25.42 14.68 11.19
C CYS A 230 -24.07 15.32 11.50
N ARG A 231 -24.02 16.19 12.51
CA ARG A 231 -22.75 16.82 12.86
C ARG A 231 -21.73 15.81 13.34
N ARG A 232 -22.14 14.87 14.20
CA ARG A 232 -21.23 13.83 14.63
C ARG A 232 -20.79 12.95 13.46
N ALA A 233 -21.71 12.69 12.53
CA ALA A 233 -21.36 11.90 11.35
C ALA A 233 -20.29 12.59 10.51
N LEU A 234 -20.43 13.89 10.28
CA LEU A 234 -19.44 14.61 9.49
C LEU A 234 -18.12 14.76 10.24
N SER A 235 -18.18 14.90 11.56
CA SER A 235 -16.95 14.97 12.34
C SER A 235 -16.18 13.66 12.29
N LEU A 236 -16.88 12.54 12.46
CA LEU A 236 -16.23 11.23 12.40
C LEU A 236 -15.68 10.96 11.02
N PHE A 237 -16.38 11.41 9.97
CA PHE A 237 -15.89 11.23 8.61
C PHE A 237 -14.53 11.91 8.43
N CYS A 238 -14.39 13.13 8.93
CA CYS A 238 -13.12 13.84 8.81
C CYS A 238 -12.01 13.14 9.58
N VAL A 239 -12.34 12.60 10.75
CA VAL A 239 -11.33 11.90 11.55
C VAL A 239 -10.90 10.60 10.86
N ILE A 240 -11.87 9.81 10.40
CA ILE A 240 -11.54 8.56 9.71
C ILE A 240 -10.80 8.85 8.41
N MET A 241 -11.10 9.98 7.77
CA MET A 241 -10.34 10.41 6.60
C MET A 241 -8.86 10.55 6.93
N GLY A 242 -8.55 11.09 8.11
CA GLY A 242 -7.16 11.22 8.53
C GLY A 242 -6.51 9.87 8.80
N ARG A 243 -7.18 9.03 9.59
CA ARG A 243 -6.61 7.72 9.94
C ARG A 243 -6.32 6.90 8.70
N PHE A 244 -7.23 6.93 7.72
CA PHE A 244 -7.02 6.18 6.49
C PHE A 244 -5.80 6.68 5.73
N GLY A 245 -5.68 8.01 5.60
CA GLY A 245 -4.53 8.56 4.91
C GLY A 245 -3.21 8.26 5.61
N GLY A 246 -3.22 8.30 6.94
CA GLY A 246 -2.02 7.94 7.69
C GLY A 246 -1.61 6.50 7.46
N ASN A 247 -2.59 5.60 7.34
CA ASN A 247 -2.28 4.20 7.04
C ASN A 247 -1.63 4.05 5.68
N LEU A 248 -2.13 4.80 4.69
CA LEU A 248 -1.50 4.79 3.37
C LEU A 248 -0.06 5.27 3.45
N ALA A 249 0.18 6.33 4.22
CA ALA A 249 1.52 6.91 4.31
C ALA A 249 2.50 5.93 4.94
N LEU A 250 2.09 5.26 6.02
CA LEU A 250 2.96 4.29 6.68
C LEU A 250 3.27 3.12 5.77
N ASN A 251 2.27 2.65 5.02
CA ASN A 251 2.41 1.42 4.25
C ASN A 251 3.47 1.54 3.16
N LEU A 252 3.48 2.66 2.44
CA LEU A 252 4.40 2.83 1.31
C LEU A 252 5.43 3.93 1.53
N GLY A 253 5.51 4.49 2.74
CA GLY A 253 6.50 5.52 3.02
C GLY A 253 6.35 6.72 2.10
N THR A 254 5.12 7.22 1.97
CA THR A 254 4.78 8.22 0.95
C THR A 254 5.30 9.60 1.37
N PHE A 255 6.62 9.75 1.33
CA PHE A 255 7.24 11.01 1.69
C PHE A 255 7.13 12.06 0.59
N GLY A 256 6.72 11.67 -0.62
CA GLY A 256 6.39 12.66 -1.64
C GLY A 256 5.07 13.34 -1.42
N GLY A 257 4.30 12.91 -0.41
CA GLY A 257 3.06 13.58 -0.07
C GLY A 257 1.83 12.71 -0.19
N VAL A 258 0.78 13.07 0.54
CA VAL A 258 -0.53 12.44 0.45
C VAL A 258 -1.50 13.46 -0.12
N PHE A 259 -2.20 13.09 -1.19
CA PHE A 259 -3.08 14.01 -1.89
C PHE A 259 -4.51 13.51 -1.82
N ILE A 260 -5.43 14.41 -1.48
CA ILE A 260 -6.85 14.11 -1.43
C ILE A 260 -7.48 14.62 -2.72
N ALA A 261 -8.10 13.72 -3.48
CA ALA A 261 -8.57 14.04 -4.83
C ALA A 261 -10.03 14.47 -4.77
N GLY A 262 -10.24 15.76 -4.48
CA GLY A 262 -11.54 16.39 -4.61
C GLY A 262 -12.66 15.69 -3.87
N GLY A 263 -13.58 15.10 -4.62
CA GLY A 263 -14.65 14.33 -4.02
C GLY A 263 -15.66 15.23 -3.31
N ILE A 264 -16.11 14.77 -2.14
CA ILE A 264 -17.09 15.51 -1.35
C ILE A 264 -16.45 16.46 -0.35
N VAL A 265 -15.14 16.37 -0.14
CA VAL A 265 -14.49 17.24 0.85
C VAL A 265 -14.64 18.72 0.53
N PRO A 266 -14.48 19.19 -0.72
CA PRO A 266 -14.60 20.65 -0.96
C PRO A 266 -15.96 21.22 -0.62
N ARG A 267 -17.00 20.39 -0.52
CA ARG A 267 -18.33 20.91 -0.21
C ARG A 267 -18.45 21.34 1.25
N PHE A 268 -17.60 20.85 2.13
CA PHE A 268 -17.54 21.30 3.53
C PHE A 268 -16.10 21.62 3.92
N LEU A 269 -15.43 22.41 3.08
CA LEU A 269 -14.00 22.68 3.27
C LEU A 269 -13.74 23.37 4.60
N GLU A 270 -14.58 24.35 4.97
CA GLU A 270 -14.38 25.01 6.25
C GLU A 270 -14.59 24.05 7.41
N PHE A 271 -15.62 23.22 7.35
CA PHE A 271 -15.81 22.18 8.36
C PHE A 271 -14.62 21.24 8.39
N PHE A 272 -14.07 20.92 7.23
CA PHE A 272 -12.90 20.05 7.17
C PHE A 272 -11.70 20.68 7.85
N LYS A 273 -11.51 21.99 7.65
CA LYS A 273 -10.36 22.67 8.25
C LYS A 273 -10.44 22.65 9.77
N ALA A 274 -11.65 22.86 10.33
CA ALA A 274 -11.82 22.89 11.77
C ALA A 274 -11.86 21.51 12.40
N SER A 275 -11.87 20.45 11.60
CA SER A 275 -11.96 19.10 12.12
C SER A 275 -10.60 18.60 12.61
N GLY A 276 -10.62 17.48 13.32
CA GLY A 276 -9.40 16.88 13.81
C GLY A 276 -8.75 15.95 12.80
N PHE A 277 -8.77 16.35 11.53
CA PHE A 277 -8.27 15.48 10.47
C PHE A 277 -6.78 15.18 10.64
N ARG A 278 -5.97 16.22 10.80
CA ARG A 278 -4.53 16.02 10.85
C ARG A 278 -4.12 15.27 12.11
N ALA A 279 -4.80 15.54 13.24
CA ALA A 279 -4.49 14.81 14.47
C ALA A 279 -4.76 13.33 14.32
N ALA A 280 -5.88 12.97 13.68
CA ALA A 280 -6.16 11.56 13.42
C ALA A 280 -5.18 10.98 12.41
N PHE A 281 -4.70 11.80 11.47
CA PHE A 281 -3.69 11.35 10.52
C PHE A 281 -2.41 10.94 11.23
N GLU A 282 -2.06 11.64 12.31
CA GLU A 282 -0.82 11.40 13.04
C GLU A 282 -1.02 10.50 14.27
N ASP A 283 -2.22 9.96 14.47
CA ASP A 283 -2.52 9.14 15.64
C ASP A 283 -2.04 7.69 15.42
N LYS A 284 -0.72 7.54 15.29
CA LYS A 284 -0.12 6.29 14.86
C LYS A 284 0.85 5.73 15.89
N GLY A 285 0.56 5.91 17.17
CA GLY A 285 1.37 5.31 18.23
C GLY A 285 2.81 5.81 18.20
N ARG A 286 3.75 4.86 18.24
CA ARG A 286 5.16 5.20 18.22
C ARG A 286 5.56 5.92 16.95
N PHE A 287 4.79 5.77 15.87
CA PHE A 287 5.14 6.33 14.57
C PHE A 287 4.35 7.58 14.25
N LYS A 288 3.85 8.28 15.27
CA LYS A 288 3.37 9.64 15.06
C LYS A 288 4.49 10.51 14.50
N GLU A 289 5.71 10.34 15.01
CA GLU A 289 6.84 11.11 14.50
C GLU A 289 7.17 10.75 13.05
N TYR A 290 6.88 9.50 12.64
CA TYR A 290 7.16 9.08 11.28
C TYR A 290 6.32 9.86 10.27
N VAL A 291 5.00 9.87 10.47
CA VAL A 291 4.09 10.56 9.55
C VAL A 291 3.96 12.04 9.86
N HIS A 292 4.66 12.53 10.88
CA HIS A 292 4.57 13.94 11.25
C HIS A 292 5.11 14.84 10.14
N ASP A 293 6.13 14.39 9.42
CA ASP A 293 6.76 15.19 8.38
C ASP A 293 6.10 15.03 7.01
N ILE A 294 5.19 14.08 6.85
CA ILE A 294 4.58 13.80 5.56
C ILE A 294 3.48 14.81 5.29
N PRO A 295 3.54 15.58 4.20
CA PRO A 295 2.52 16.59 3.94
C PRO A 295 1.26 16.00 3.31
N VAL A 296 0.13 16.63 3.64
CA VAL A 296 -1.16 16.27 3.08
C VAL A 296 -1.69 17.49 2.32
N TYR A 297 -2.10 17.28 1.08
CA TYR A 297 -2.67 18.32 0.24
C TYR A 297 -4.06 17.93 -0.24
N LEU A 298 -4.96 18.90 -0.25
CA LEU A 298 -6.25 18.76 -0.92
C LEU A 298 -6.14 19.40 -2.30
N ILE A 299 -6.56 18.66 -3.32
CA ILE A 299 -6.51 19.15 -4.69
C ILE A 299 -7.79 19.90 -4.98
N VAL A 300 -7.67 21.17 -5.38
CA VAL A 300 -8.82 22.01 -5.71
C VAL A 300 -8.81 22.40 -7.18
N HIS A 301 -8.14 21.61 -8.03
CA HIS A 301 -8.16 21.84 -9.47
C HIS A 301 -9.55 21.57 -10.03
N ASP A 302 -9.89 22.29 -11.10
CA ASP A 302 -11.22 22.15 -11.70
C ASP A 302 -11.37 20.83 -12.45
N ASN A 303 -10.39 20.49 -13.29
CA ASN A 303 -10.45 19.30 -14.13
C ASN A 303 -9.13 18.54 -14.04
N PRO A 304 -8.88 17.83 -12.93
CA PRO A 304 -7.63 17.06 -12.84
C PRO A 304 -7.57 15.89 -13.80
N GLY A 305 -8.71 15.28 -14.13
CA GLY A 305 -8.70 14.16 -15.05
C GLY A 305 -8.22 14.55 -16.44
N LEU A 306 -8.68 15.71 -16.93
CA LEU A 306 -8.18 16.22 -18.20
C LEU A 306 -6.70 16.55 -18.12
N LEU A 307 -6.28 17.15 -17.01
CA LEU A 307 -4.86 17.49 -16.82
C LEU A 307 -4.00 16.23 -16.78
N GLY A 308 -4.41 15.25 -15.97
CA GLY A 308 -3.64 14.02 -15.85
C GLY A 308 -3.64 13.18 -17.11
N SER A 309 -4.76 13.17 -17.85
CA SER A 309 -4.80 12.44 -19.10
C SER A 309 -3.76 12.96 -20.08
N GLY A 310 -3.62 14.29 -20.17
CA GLY A 310 -2.55 14.85 -20.99
C GLY A 310 -1.17 14.47 -20.49
N ALA A 311 -0.98 14.46 -19.17
CA ALA A 311 0.33 14.10 -18.62
C ALA A 311 0.69 12.66 -18.96
N HIS A 312 -0.26 11.73 -18.84
CA HIS A 312 0.02 10.33 -19.16
C HIS A 312 0.32 10.17 -20.64
N LEU A 313 -0.45 10.83 -21.51
CA LEU A 313 -0.22 10.72 -22.95
C LEU A 313 1.14 11.29 -23.32
N ARG A 314 1.48 12.46 -22.78
CA ARG A 314 2.75 13.09 -23.10
C ARG A 314 3.92 12.23 -22.62
N GLN A 315 3.79 11.61 -21.45
CA GLN A 315 4.82 10.68 -20.99
C GLN A 315 4.93 9.48 -21.92
N THR A 316 3.79 8.95 -22.38
CA THR A 316 3.81 7.83 -23.31
C THR A 316 4.45 8.22 -24.63
N LEU A 317 4.32 9.49 -25.04
CA LEU A 317 4.89 9.98 -26.29
C LEU A 317 6.34 10.43 -26.13
N GLY A 318 6.97 10.17 -24.99
CA GLY A 318 8.38 10.41 -24.80
C GLY A 318 8.74 11.63 -23.99
N HIS A 319 7.78 12.50 -23.68
CA HIS A 319 8.09 13.71 -22.92
C HIS A 319 8.32 13.38 -21.45
N ILE A 320 9.10 14.25 -20.80
CA ILE A 320 9.44 14.10 -19.39
C ILE A 320 8.76 15.22 -18.61
N LEU A 321 7.97 14.85 -17.61
CA LEU A 321 7.22 15.82 -16.83
C LEU A 321 8.13 16.58 -15.85
N THR B 2 36.48 -7.47 -10.85
CA THR B 2 36.62 -8.62 -9.96
C THR B 2 35.38 -9.51 -10.00
N LYS B 3 35.57 -10.77 -9.66
CA LYS B 3 34.50 -11.76 -9.82
C LYS B 3 33.53 -11.77 -8.66
N TYR B 4 33.98 -11.44 -7.45
CA TYR B 4 33.19 -11.60 -6.24
C TYR B 4 33.00 -10.29 -5.51
N ALA B 5 31.84 -10.17 -4.85
CA ALA B 5 31.55 -9.09 -3.92
C ALA B 5 31.07 -9.70 -2.61
N LEU B 6 31.20 -8.92 -1.54
CA LEU B 6 30.77 -9.39 -0.22
C LEU B 6 29.28 -9.19 -0.03
N VAL B 7 28.61 -10.21 0.51
CA VAL B 7 27.19 -10.16 0.77
C VAL B 7 26.97 -10.60 2.21
N GLY B 8 25.95 -10.03 2.86
CA GLY B 8 25.74 -10.27 4.27
C GLY B 8 24.29 -10.21 4.68
N ASP B 9 24.00 -10.84 5.82
CA ASP B 9 22.66 -10.86 6.40
C ASP B 9 22.81 -10.97 7.91
N VAL B 10 22.65 -9.85 8.60
CA VAL B 10 22.82 -9.78 10.05
C VAL B 10 21.46 -9.63 10.70
N GLY B 11 21.15 -10.53 11.63
CA GLY B 11 19.81 -10.67 12.19
C GLY B 11 19.73 -10.69 13.70
N GLY B 12 20.55 -9.88 14.36
CA GLY B 12 20.61 -9.92 15.81
C GLY B 12 21.92 -10.45 16.34
N THR B 13 21.91 -11.69 16.82
CA THR B 13 23.15 -12.32 17.30
C THR B 13 23.92 -13.04 16.19
N ASN B 14 23.33 -13.20 15.01
CA ASN B 14 23.95 -13.94 13.92
C ASN B 14 24.31 -13.01 12.78
N ALA B 15 25.55 -13.13 12.29
CA ALA B 15 26.01 -12.43 11.10
C ALA B 15 26.41 -13.48 10.07
N ARG B 16 25.67 -13.53 8.96
CA ARG B 16 25.97 -14.45 7.88
C ARG B 16 26.60 -13.66 6.73
N LEU B 17 27.79 -14.08 6.33
CA LEU B 17 28.50 -13.45 5.22
C LEU B 17 28.78 -14.48 4.15
N ALA B 18 28.81 -14.03 2.89
CA ALA B 18 29.00 -14.93 1.77
C ALA B 18 29.62 -14.15 0.62
N LEU B 19 29.99 -14.90 -0.43
CA LEU B 19 30.51 -14.32 -1.66
C LEU B 19 29.42 -14.37 -2.72
N CYS B 20 29.31 -13.28 -3.50
CA CYS B 20 28.34 -13.19 -4.57
C CYS B 20 29.07 -12.97 -5.89
N ASP B 21 28.79 -13.81 -6.87
CA ASP B 21 29.36 -13.64 -8.21
C ASP B 21 28.69 -12.47 -8.90
N ILE B 22 29.48 -11.48 -9.31
CA ILE B 22 28.93 -10.28 -9.92
C ILE B 22 28.24 -10.61 -11.23
N ALA B 23 28.80 -11.55 -11.99
CA ALA B 23 28.26 -11.86 -13.31
C ALA B 23 26.95 -12.64 -13.24
N SER B 24 26.78 -13.48 -12.21
CA SER B 24 25.64 -14.38 -12.15
C SER B 24 24.72 -14.17 -10.96
N GLY B 25 25.16 -13.48 -9.91
CA GLY B 25 24.37 -13.38 -8.70
C GLY B 25 24.38 -14.60 -7.83
N GLU B 26 25.25 -15.56 -8.10
CA GLU B 26 25.30 -16.81 -7.35
C GLU B 26 26.02 -16.58 -6.02
N ILE B 27 25.44 -17.12 -4.94
CA ILE B 27 25.98 -16.99 -3.60
C ILE B 27 26.76 -18.26 -3.26
N SER B 28 27.94 -18.07 -2.66
CA SER B 28 28.77 -19.20 -2.27
C SER B 28 29.59 -18.83 -1.05
N GLN B 29 30.13 -19.86 -0.39
CA GLN B 29 31.00 -19.71 0.79
C GLN B 29 30.31 -18.95 1.91
N ALA B 30 29.08 -19.37 2.23
CA ALA B 30 28.32 -18.74 3.31
C ALA B 30 28.86 -19.19 4.66
N LYS B 31 29.19 -18.24 5.52
CA LYS B 31 29.70 -18.51 6.85
C LYS B 31 28.90 -17.70 7.87
N THR B 32 28.56 -18.34 8.98
CA THR B 32 27.77 -17.71 10.04
C THR B 32 28.60 -17.57 11.30
N TYR B 33 28.70 -16.35 11.81
CA TYR B 33 29.47 -16.05 13.01
C TYR B 33 28.52 -15.55 14.09
N SER B 34 28.76 -15.99 15.32
CA SER B 34 27.98 -15.48 16.44
C SER B 34 28.42 -14.06 16.76
N GLY B 35 27.46 -13.12 16.78
CA GLY B 35 27.78 -11.74 17.06
C GLY B 35 28.31 -11.50 18.45
N LEU B 36 28.08 -12.44 19.36
CA LEU B 36 28.56 -12.29 20.73
C LEU B 36 30.07 -12.46 20.84
N ASP B 37 30.69 -13.16 19.89
CA ASP B 37 32.13 -13.41 19.93
C ASP B 37 32.95 -12.32 19.25
N TYR B 38 32.31 -11.28 18.73
CA TYR B 38 33.04 -10.23 18.01
C TYR B 38 32.54 -8.86 18.44
N PRO B 39 33.41 -7.85 18.42
CA PRO B 39 33.02 -6.52 18.92
C PRO B 39 32.33 -5.65 17.88
N SER B 40 32.62 -5.88 16.60
CA SER B 40 32.11 -5.05 15.52
C SER B 40 31.74 -5.93 14.33
N LEU B 41 30.85 -5.42 13.49
CA LEU B 41 30.55 -6.09 12.23
C LEU B 41 31.78 -6.11 11.32
N GLU B 42 32.52 -5.01 11.28
CA GLU B 42 33.73 -4.94 10.46
C GLU B 42 34.79 -5.92 10.95
N ALA B 43 34.77 -6.25 12.25
CA ALA B 43 35.68 -7.28 12.76
C ALA B 43 35.36 -8.64 12.16
N VAL B 44 34.07 -8.95 12.04
CA VAL B 44 33.68 -10.21 11.40
C VAL B 44 34.05 -10.21 9.92
N ILE B 45 33.74 -9.11 9.23
CA ILE B 45 34.06 -9.00 7.81
C ILE B 45 35.55 -9.17 7.58
N ARG B 46 36.38 -8.54 8.43
CA ARG B 46 37.82 -8.69 8.28
C ARG B 46 38.24 -10.15 8.45
N VAL B 47 37.69 -10.84 9.45
CA VAL B 47 38.04 -12.25 9.65
C VAL B 47 37.59 -13.08 8.47
N TYR B 48 36.40 -12.82 7.94
CA TYR B 48 35.89 -13.59 6.82
C TYR B 48 36.73 -13.36 5.56
N LEU B 49 37.14 -12.12 5.30
CA LEU B 49 37.86 -11.83 4.07
C LEU B 49 39.25 -12.45 4.05
N GLU B 50 39.90 -12.56 5.21
CA GLU B 50 41.22 -13.18 5.27
C GLU B 50 41.14 -14.69 5.06
N GLU B 51 40.05 -15.32 5.51
CA GLU B 51 39.95 -16.77 5.43
C GLU B 51 39.81 -17.25 3.99
N HIS B 52 39.08 -16.50 3.16
CA HIS B 52 38.80 -16.93 1.79
C HIS B 52 39.78 -16.36 0.77
N LYS B 53 40.71 -15.50 1.20
CA LYS B 53 41.84 -15.06 0.39
C LYS B 53 41.42 -14.60 -1.00
N VAL B 54 40.33 -13.83 -1.06
CA VAL B 54 39.83 -13.28 -2.30
C VAL B 54 39.66 -11.79 -2.09
N GLU B 55 39.81 -11.01 -3.16
CA GLU B 55 39.76 -9.56 -3.08
C GLU B 55 38.36 -9.11 -3.48
N VAL B 56 37.72 -8.35 -2.60
CA VAL B 56 36.42 -7.75 -2.88
C VAL B 56 36.52 -6.25 -2.66
N LYS B 57 35.86 -5.49 -3.52
CA LYS B 57 35.80 -4.05 -3.41
C LYS B 57 34.38 -3.52 -3.21
N ASP B 58 33.37 -4.37 -3.39
CA ASP B 58 31.97 -3.99 -3.27
C ASP B 58 31.30 -4.92 -2.26
N GLY B 59 30.26 -4.42 -1.61
CA GLY B 59 29.58 -5.18 -0.58
C GLY B 59 28.17 -4.70 -0.33
N CYS B 60 27.32 -5.60 0.11
CA CYS B 60 25.94 -5.28 0.44
C CYS B 60 25.51 -6.17 1.59
N ILE B 61 25.31 -5.58 2.77
CA ILE B 61 24.91 -6.30 3.97
C ILE B 61 23.50 -5.85 4.36
N ALA B 62 22.65 -6.82 4.70
CA ALA B 62 21.29 -6.55 5.17
C ALA B 62 21.23 -6.75 6.68
N ILE B 63 20.65 -5.77 7.38
CA ILE B 63 20.51 -5.80 8.82
C ILE B 63 19.04 -5.64 9.19
N ALA B 64 18.62 -6.36 10.24
CA ALA B 64 17.25 -6.33 10.72
C ALA B 64 17.04 -5.16 11.68
N CYS B 65 17.26 -3.96 11.16
CA CYS B 65 17.09 -2.73 11.92
C CYS B 65 16.77 -1.62 10.93
N PRO B 66 16.20 -0.50 11.39
CA PRO B 66 16.02 0.65 10.49
C PRO B 66 17.36 1.22 10.08
N ILE B 67 17.50 1.51 8.79
CA ILE B 67 18.74 2.06 8.24
C ILE B 67 18.38 3.35 7.52
N THR B 68 18.63 4.48 8.16
CA THR B 68 18.59 5.78 7.50
C THR B 68 19.50 6.71 8.30
N GLY B 69 20.66 7.01 7.75
CA GLY B 69 21.69 7.74 8.47
C GLY B 69 22.94 6.90 8.57
N ASP B 70 24.11 7.56 8.47
CA ASP B 70 25.38 6.84 8.49
C ASP B 70 25.48 5.90 9.68
N TRP B 71 24.97 6.33 10.84
CA TRP B 71 25.06 5.56 12.06
C TRP B 71 23.95 4.50 12.09
N VAL B 72 24.34 3.24 11.94
CA VAL B 72 23.41 2.11 12.02
C VAL B 72 23.46 1.56 13.44
N ALA B 73 22.29 1.45 14.07
CA ALA B 73 22.18 0.94 15.43
C ALA B 73 21.30 -0.29 15.42
N MET B 74 21.79 -1.38 16.03
CA MET B 74 21.04 -2.61 16.07
C MET B 74 19.98 -2.56 17.17
N THR B 75 18.90 -3.33 16.98
CA THR B 75 17.73 -3.24 17.84
C THR B 75 18.09 -3.46 19.31
N ASN B 76 18.76 -4.58 19.61
CA ASN B 76 19.22 -4.82 20.96
C ASN B 76 20.71 -5.14 20.98
N HIS B 77 21.20 -5.76 19.90
CA HIS B 77 22.60 -6.14 19.84
C HIS B 77 23.49 -4.90 19.97
N THR B 78 24.67 -5.10 20.55
CA THR B 78 25.53 -4.00 20.96
C THR B 78 26.43 -3.55 19.81
N TRP B 79 25.99 -3.80 18.58
CA TRP B 79 26.72 -3.38 17.39
C TRP B 79 26.14 -2.08 16.86
N ALA B 80 27.01 -1.09 16.67
CA ALA B 80 26.62 0.18 16.09
C ALA B 80 27.83 0.79 15.39
N PHE B 81 27.63 1.29 14.18
CA PHE B 81 28.73 1.72 13.34
C PHE B 81 28.24 2.81 12.38
N SER B 82 29.20 3.54 11.82
CA SER B 82 28.93 4.46 10.73
C SER B 82 29.34 3.80 9.44
N ILE B 83 28.46 3.87 8.43
CA ILE B 83 28.70 3.18 7.17
C ILE B 83 29.96 3.74 6.49
N ALA B 84 30.20 5.05 6.62
CA ALA B 84 31.36 5.65 5.99
C ALA B 84 32.66 5.21 6.65
N GLU B 85 32.67 5.12 8.00
CA GLU B 85 33.88 4.66 8.68
C GLU B 85 34.24 3.24 8.28
N MET B 86 33.24 2.35 8.25
CA MET B 86 33.46 0.98 7.80
C MET B 86 33.84 0.94 6.33
N LYS B 87 33.29 1.86 5.52
CA LYS B 87 33.66 1.94 4.12
C LYS B 87 35.13 2.31 3.96
N LYS B 88 35.61 3.27 4.75
CA LYS B 88 37.01 3.67 4.67
C LYS B 88 37.93 2.60 5.26
N ASN B 89 37.50 1.95 6.36
CA ASN B 89 38.34 0.97 7.02
C ASN B 89 38.55 -0.26 6.15
N LEU B 90 37.55 -0.64 5.35
CA LEU B 90 37.67 -1.81 4.49
C LEU B 90 38.22 -1.50 3.11
N GLY B 91 38.37 -0.22 2.76
CA GLY B 91 38.82 0.13 1.42
C GLY B 91 37.84 -0.30 0.34
N PHE B 92 36.54 -0.16 0.60
CA PHE B 92 35.51 -0.61 -0.32
C PHE B 92 35.13 0.49 -1.29
N SER B 93 34.90 0.12 -2.55
CA SER B 93 34.38 1.07 -3.53
C SER B 93 32.93 1.42 -3.24
N HIS B 94 32.10 0.40 -3.01
CA HIS B 94 30.68 0.59 -2.69
C HIS B 94 30.33 -0.29 -1.50
N LEU B 95 29.63 0.28 -0.53
CA LEU B 95 29.18 -0.44 0.65
C LEU B 95 27.70 -0.13 0.86
N GLU B 96 26.83 -1.01 0.38
CA GLU B 96 25.39 -0.84 0.53
C GLU B 96 24.93 -1.50 1.82
N ILE B 97 24.20 -0.74 2.63
CA ILE B 97 23.65 -1.22 3.89
C ILE B 97 22.13 -1.05 3.81
N ILE B 98 21.41 -2.17 3.74
CA ILE B 98 19.98 -2.13 3.50
C ILE B 98 19.25 -2.87 4.62
N ASN B 99 17.97 -2.55 4.75
CA ASN B 99 17.11 -3.24 5.70
C ASN B 99 16.92 -4.69 5.26
N ASP B 100 16.83 -5.58 6.25
CA ASP B 100 16.71 -7.01 5.94
C ASP B 100 15.48 -7.31 5.11
N PHE B 101 14.41 -6.54 5.29
CA PHE B 101 13.20 -6.79 4.51
C PHE B 101 13.31 -6.25 3.09
N THR B 102 14.15 -5.24 2.86
CA THR B 102 14.46 -4.83 1.49
C THR B 102 15.13 -5.98 0.74
N ALA B 103 16.12 -6.61 1.36
CA ALA B 103 16.85 -7.71 0.71
C ALA B 103 15.93 -8.88 0.41
N VAL B 104 15.03 -9.21 1.35
CA VAL B 104 14.13 -10.34 1.13
C VAL B 104 13.22 -10.08 -0.06
N SER B 105 12.72 -8.85 -0.18
CA SER B 105 11.89 -8.51 -1.33
C SER B 105 12.69 -8.57 -2.63
N MET B 106 13.96 -8.14 -2.59
CA MET B 106 14.80 -8.17 -3.77
C MET B 106 15.21 -9.58 -4.18
N ALA B 107 15.03 -10.58 -3.31
CA ALA B 107 15.37 -11.96 -3.66
C ALA B 107 14.26 -12.64 -4.44
N ILE B 108 13.04 -12.09 -4.40
CA ILE B 108 11.91 -12.75 -5.07
C ILE B 108 12.16 -12.95 -6.56
N PRO B 109 12.70 -11.99 -7.31
CA PRO B 109 12.98 -12.28 -8.74
C PRO B 109 13.99 -13.40 -8.95
N MET B 110 14.79 -13.76 -7.94
CA MET B 110 15.76 -14.83 -8.07
C MET B 110 15.22 -16.19 -7.66
N LEU B 111 14.02 -16.27 -7.11
CA LEU B 111 13.52 -17.51 -6.54
C LEU B 111 12.88 -18.41 -7.60
N LYS B 112 13.13 -19.71 -7.48
CA LYS B 112 12.44 -20.71 -8.27
C LYS B 112 11.35 -21.39 -7.44
N LYS B 113 10.45 -22.08 -8.14
CA LYS B 113 9.18 -22.49 -7.53
C LYS B 113 9.35 -23.49 -6.39
N GLU B 114 10.48 -24.21 -6.33
CA GLU B 114 10.72 -25.09 -5.19
C GLU B 114 11.10 -24.34 -3.93
N HIS B 115 11.41 -23.05 -4.03
CA HIS B 115 11.65 -22.21 -2.88
C HIS B 115 10.36 -21.59 -2.34
N LEU B 116 9.21 -21.97 -2.88
CA LEU B 116 7.93 -21.38 -2.53
C LEU B 116 6.89 -22.46 -2.29
N ILE B 117 5.94 -22.16 -1.40
CA ILE B 117 4.78 -23.00 -1.16
C ILE B 117 3.55 -22.13 -1.37
N GLN B 118 2.68 -22.56 -2.28
CA GLN B 118 1.52 -21.76 -2.68
C GLN B 118 0.34 -22.04 -1.76
N PHE B 119 -0.36 -20.98 -1.38
CA PHE B 119 -1.57 -21.05 -0.54
C PHE B 119 -2.71 -20.41 -1.31
N GLY B 120 -3.41 -21.21 -2.12
CA GLY B 120 -4.55 -20.73 -2.88
C GLY B 120 -4.15 -19.82 -4.02
N GLY B 121 -5.11 -19.43 -4.83
CA GLY B 121 -4.85 -18.52 -5.93
C GLY B 121 -4.36 -19.21 -7.19
N ALA B 122 -4.34 -18.41 -8.26
CA ALA B 122 -3.93 -18.84 -9.58
C ALA B 122 -2.45 -18.52 -9.78
N GLU B 123 -1.99 -18.52 -11.03
CA GLU B 123 -0.62 -18.15 -11.36
C GLU B 123 -0.42 -16.64 -11.19
N PRO B 124 0.84 -16.21 -11.01
CA PRO B 124 1.11 -14.77 -10.95
C PRO B 124 1.03 -14.13 -12.33
N VAL B 125 0.85 -12.80 -12.32
CA VAL B 125 0.79 -12.01 -13.54
C VAL B 125 2.09 -11.23 -13.66
N GLU B 126 2.80 -11.42 -14.76
CA GLU B 126 4.10 -10.80 -14.95
C GLU B 126 3.98 -9.29 -15.08
N GLY B 127 4.95 -8.59 -14.49
CA GLY B 127 4.97 -7.14 -14.53
C GLY B 127 4.08 -6.46 -13.52
N LYS B 128 3.34 -7.21 -12.71
CA LYS B 128 2.43 -6.66 -11.73
C LYS B 128 3.10 -6.53 -10.37
N PRO B 129 2.62 -5.63 -9.51
CA PRO B 129 3.28 -5.41 -8.23
C PRO B 129 3.25 -6.64 -7.32
N ILE B 130 4.12 -6.61 -6.32
CA ILE B 130 4.32 -7.70 -5.38
C ILE B 130 4.29 -7.14 -3.97
N ALA B 131 3.62 -7.86 -3.06
CA ALA B 131 3.59 -7.51 -1.65
C ALA B 131 4.34 -8.57 -0.85
N VAL B 132 5.22 -8.12 0.04
CA VAL B 132 6.02 -9.00 0.88
C VAL B 132 5.80 -8.60 2.34
N TYR B 133 5.44 -9.56 3.17
CA TYR B 133 5.27 -9.29 4.59
C TYR B 133 5.58 -10.54 5.40
N GLY B 134 6.16 -10.33 6.58
CA GLY B 134 6.50 -11.41 7.48
C GLY B 134 6.30 -11.05 8.94
N ALA B 135 5.85 -12.01 9.73
CA ALA B 135 5.58 -11.80 11.15
C ALA B 135 6.65 -12.52 11.95
N GLY B 136 7.65 -11.76 12.42
CA GLY B 136 8.69 -12.31 13.25
C GLY B 136 8.76 -11.60 14.59
N THR B 137 9.92 -11.01 14.91
CA THR B 137 9.99 -10.14 16.08
C THR B 137 9.07 -8.94 15.92
N GLY B 138 9.06 -8.35 14.73
CA GLY B 138 8.10 -7.32 14.37
C GLY B 138 7.37 -7.71 13.09
N LEU B 139 6.60 -6.79 12.52
CA LEU B 139 5.85 -7.02 11.29
C LEU B 139 6.51 -6.22 10.17
N GLY B 140 7.27 -6.90 9.32
CA GLY B 140 7.90 -6.26 8.17
C GLY B 140 6.97 -6.28 6.97
N VAL B 141 6.95 -5.16 6.24
CA VAL B 141 6.13 -5.02 5.04
C VAL B 141 6.95 -4.27 3.99
N ALA B 142 6.97 -4.81 2.77
CA ALA B 142 7.62 -4.14 1.65
C ALA B 142 6.84 -4.47 0.38
N HIS B 143 7.13 -3.72 -0.68
CA HIS B 143 6.46 -3.92 -1.96
C HIS B 143 7.49 -3.89 -3.08
N LEU B 144 7.23 -4.68 -4.12
CA LEU B 144 8.14 -4.83 -5.25
C LEU B 144 7.42 -4.45 -6.54
N VAL B 145 8.08 -3.64 -7.36
CA VAL B 145 7.51 -3.16 -8.61
C VAL B 145 8.58 -3.24 -9.69
N HIS B 146 8.20 -3.71 -10.88
CA HIS B 146 9.11 -3.86 -12.00
C HIS B 146 8.87 -2.75 -13.01
N VAL B 147 9.89 -1.92 -13.24
CA VAL B 147 9.81 -0.79 -14.16
C VAL B 147 11.06 -0.79 -15.03
N ASP B 148 10.88 -0.87 -16.35
CA ASP B 148 11.96 -0.71 -17.33
C ASP B 148 13.12 -1.65 -17.03
N LYS B 149 12.83 -2.95 -17.06
CA LYS B 149 13.79 -4.04 -16.85
C LYS B 149 14.46 -3.99 -15.48
N ARG B 150 14.02 -3.11 -14.59
CA ARG B 150 14.65 -2.94 -13.29
C ARG B 150 13.61 -3.12 -12.19
N TRP B 151 14.04 -3.71 -11.08
CA TRP B 151 13.18 -3.97 -9.93
C TRP B 151 13.45 -2.91 -8.87
N VAL B 152 12.42 -2.16 -8.49
CA VAL B 152 12.52 -1.14 -7.46
C VAL B 152 11.79 -1.63 -6.23
N SER B 153 12.41 -1.43 -5.07
CA SER B 153 11.86 -1.85 -3.79
C SER B 153 11.21 -0.66 -3.11
N LEU B 154 9.98 -0.83 -2.64
CA LEU B 154 9.25 0.25 -1.98
C LEU B 154 9.19 -0.06 -0.48
N PRO B 155 10.00 0.59 0.33
CA PRO B 155 10.01 0.31 1.77
C PRO B 155 8.96 1.14 2.50
N GLY B 156 8.75 0.80 3.76
CA GLY B 156 7.83 1.55 4.58
C GLY B 156 7.72 0.93 5.96
N GLU B 157 6.79 1.48 6.73
CA GLU B 157 6.47 0.97 8.05
C GLU B 157 5.04 0.46 8.08
N GLY B 158 4.66 -0.30 7.06
CA GLY B 158 3.30 -0.82 6.96
C GLY B 158 2.86 -1.66 8.13
N GLY B 159 3.80 -2.22 8.89
CA GLY B 159 3.43 -3.04 10.04
C GLY B 159 2.78 -2.27 11.17
N HIS B 160 2.80 -0.94 11.12
CA HIS B 160 2.26 -0.10 12.19
C HIS B 160 0.95 0.58 11.82
N VAL B 161 0.33 0.18 10.70
CA VAL B 161 -1.00 0.65 10.40
C VAL B 161 -1.98 0.14 11.47
N ASP B 162 -3.12 0.81 11.56
CA ASP B 162 -4.12 0.42 12.55
C ASP B 162 -4.57 -1.01 12.33
N PHE B 163 -4.68 -1.77 13.42
CA PHE B 163 -5.25 -3.10 13.36
C PHE B 163 -6.72 -2.99 12.94
N ALA B 164 -7.12 -3.80 11.95
CA ALA B 164 -8.47 -3.75 11.41
C ALA B 164 -9.21 -5.04 11.76
N PRO B 165 -10.00 -5.05 12.83
CA PRO B 165 -10.77 -6.25 13.17
C PRO B 165 -12.02 -6.39 12.31
N ASN B 166 -12.37 -7.63 12.01
CA ASN B 166 -13.56 -7.93 11.23
C ASN B 166 -14.59 -8.69 12.04
N SER B 167 -14.25 -9.84 12.60
CA SER B 167 -15.19 -10.66 13.33
C SER B 167 -15.50 -10.04 14.68
N GLU B 168 -16.50 -10.60 15.38
CA GLU B 168 -16.72 -10.21 16.76
C GLU B 168 -15.45 -10.44 17.58
N GLU B 169 -14.93 -11.68 17.57
CA GLU B 169 -13.79 -12.05 18.40
C GLU B 169 -12.62 -11.11 18.21
N GLU B 170 -12.37 -10.67 16.98
CA GLU B 170 -11.29 -9.71 16.73
C GLU B 170 -11.60 -8.35 17.37
N ALA B 171 -12.89 -7.98 17.43
CA ALA B 171 -13.25 -6.68 18.00
C ALA B 171 -12.99 -6.64 19.51
N ILE B 172 -13.30 -7.71 20.24
CA ILE B 172 -13.02 -7.72 21.69
C ILE B 172 -11.53 -7.61 21.94
N ILE B 173 -10.71 -8.25 21.11
CA ILE B 173 -9.25 -8.15 21.28
C ILE B 173 -8.79 -6.70 21.12
N LEU B 174 -9.31 -6.00 20.12
CA LEU B 174 -8.97 -4.60 19.94
C LEU B 174 -9.35 -3.77 21.16
N GLU B 175 -10.53 -4.02 21.72
CA GLU B 175 -10.98 -3.27 22.90
C GLU B 175 -10.06 -3.51 24.09
N ILE B 176 -9.62 -4.76 24.29
CA ILE B 176 -8.76 -5.07 25.41
C ILE B 176 -7.39 -4.41 25.25
N LEU B 177 -6.80 -4.53 24.05
CA LEU B 177 -5.47 -3.97 23.84
C LEU B 177 -5.48 -2.45 23.90
N ARG B 178 -6.51 -1.82 23.32
CA ARG B 178 -6.61 -0.37 23.37
C ARG B 178 -6.73 0.15 24.81
N ALA B 179 -7.19 -0.69 25.73
CA ALA B 179 -7.21 -0.29 27.13
C ALA B 179 -5.82 -0.30 27.76
N GLU B 180 -4.93 -1.17 27.27
CA GLU B 180 -3.57 -1.27 27.82
C GLU B 180 -2.61 -0.35 27.08
N ILE B 181 -2.38 -0.64 25.80
CA ILE B 181 -1.62 0.25 24.93
C ILE B 181 -2.58 1.27 24.35
N GLY B 182 -2.07 2.22 23.61
CA GLY B 182 -2.92 3.27 23.07
C GLY B 182 -3.41 2.84 21.70
N HIS B 183 -2.84 3.43 20.66
CA HIS B 183 -3.10 2.97 19.32
C HIS B 183 -2.61 1.53 19.19
N VAL B 184 -3.44 0.68 18.57
CA VAL B 184 -3.13 -0.74 18.38
C VAL B 184 -2.78 -0.94 16.91
N SER B 185 -1.51 -1.20 16.64
CA SER B 185 -1.05 -1.47 15.29
C SER B 185 -1.20 -2.96 14.97
N ALA B 186 -1.04 -3.29 13.69
CA ALA B 186 -1.06 -4.69 13.28
C ALA B 186 0.10 -5.47 13.87
N GLU B 187 1.22 -4.80 14.16
CA GLU B 187 2.36 -5.48 14.75
C GLU B 187 2.04 -6.04 16.14
N ARG B 188 1.08 -5.42 16.83
CA ARG B 188 0.71 -5.86 18.17
C ARG B 188 -0.02 -7.21 18.14
N VAL B 189 -0.50 -7.65 16.99
CA VAL B 189 -1.13 -8.96 16.87
C VAL B 189 -0.47 -9.85 15.82
N LEU B 190 0.34 -9.31 14.92
CA LEU B 190 1.02 -10.12 13.90
C LEU B 190 2.52 -10.04 14.14
N SER B 191 2.99 -10.85 15.10
CA SER B 191 4.41 -10.91 15.45
C SER B 191 4.63 -11.94 16.54
N GLY B 192 5.88 -12.12 16.96
CA GLY B 192 6.19 -12.92 18.12
C GLY B 192 5.43 -12.47 19.35
N PRO B 193 5.69 -11.24 19.80
CA PRO B 193 4.90 -10.70 20.92
C PRO B 193 3.41 -10.59 20.61
N GLY B 194 3.04 -10.50 19.33
CA GLY B 194 1.64 -10.45 18.98
C GLY B 194 0.88 -11.71 19.34
N LEU B 195 1.54 -12.87 19.26
CA LEU B 195 0.90 -14.11 19.69
C LEU B 195 0.58 -14.08 21.18
N VAL B 196 1.50 -13.55 21.99
CA VAL B 196 1.24 -13.39 23.41
C VAL B 196 0.09 -12.42 23.64
N ASN B 197 0.08 -11.31 22.90
CA ASN B 197 -1.00 -10.34 23.03
C ASN B 197 -2.34 -10.96 22.68
N LEU B 198 -2.39 -11.77 21.62
CA LEU B 198 -3.63 -12.50 21.30
C LEU B 198 -4.00 -13.45 22.42
N TYR B 199 -3.01 -14.14 22.99
CA TYR B 199 -3.28 -15.03 24.12
C TYR B 199 -3.79 -14.26 25.32
N ARG B 200 -3.06 -13.21 25.73
CA ARG B 200 -3.44 -12.46 26.92
C ARG B 200 -4.81 -11.83 26.77
N ALA B 201 -5.12 -11.32 25.57
CA ALA B 201 -6.44 -10.75 25.34
C ALA B 201 -7.54 -11.81 25.43
N ILE B 202 -7.27 -13.01 24.93
CA ILE B 202 -8.29 -14.06 24.92
C ILE B 202 -8.57 -14.55 26.34
N VAL B 203 -7.52 -14.69 27.16
CA VAL B 203 -7.72 -15.12 28.54
C VAL B 203 -8.55 -14.10 29.32
N LYS B 204 -8.26 -12.81 29.12
CA LYS B 204 -9.06 -11.78 29.77
C LYS B 204 -10.47 -11.68 29.22
N ALA B 205 -10.71 -12.18 28.01
CA ALA B 205 -12.06 -12.20 27.47
C ALA B 205 -12.98 -13.10 28.29
N ASP B 206 -12.42 -14.10 28.96
CA ASP B 206 -13.17 -14.96 29.87
C ASP B 206 -13.20 -14.43 31.29
N ASN B 207 -12.86 -13.16 31.48
CA ASN B 207 -12.81 -12.52 32.81
C ASN B 207 -11.84 -13.24 33.73
N ARG B 208 -10.77 -13.77 33.17
CA ARG B 208 -9.71 -14.43 33.92
C ARG B 208 -8.41 -13.66 33.77
N LEU B 209 -7.39 -14.10 34.51
CA LEU B 209 -6.10 -13.46 34.39
C LEU B 209 -5.13 -14.33 33.59
N PRO B 210 -4.32 -13.72 32.73
CA PRO B 210 -3.44 -14.52 31.86
C PRO B 210 -2.32 -15.20 32.64
N GLU B 211 -1.84 -16.29 32.06
CA GLU B 211 -0.65 -16.98 32.55
C GLU B 211 0.56 -16.50 31.76
N ASN B 212 1.71 -16.46 32.42
CA ASN B 212 2.92 -15.86 31.85
C ASN B 212 3.67 -16.93 31.06
N LEU B 213 3.59 -16.85 29.73
CA LEU B 213 4.37 -17.73 28.86
C LEU B 213 4.70 -17.00 27.57
N LYS B 214 5.81 -17.38 26.96
CA LYS B 214 6.39 -16.69 25.81
C LYS B 214 5.89 -17.30 24.51
N PRO B 215 6.13 -16.65 23.37
CA PRO B 215 5.54 -17.14 22.11
C PRO B 215 5.88 -18.58 21.77
N LYS B 216 7.08 -19.05 22.15
CA LYS B 216 7.42 -20.45 21.91
C LYS B 216 6.49 -21.37 22.68
N ASP B 217 6.06 -20.96 23.87
CA ASP B 217 5.10 -21.75 24.63
C ASP B 217 3.71 -21.69 24.02
N ILE B 218 3.36 -20.57 23.36
CA ILE B 218 2.07 -20.48 22.69
C ILE B 218 1.98 -21.50 21.56
N THR B 219 3.09 -21.67 20.81
CA THR B 219 3.06 -22.48 19.60
C THR B 219 2.93 -23.97 19.92
N GLU B 220 3.89 -24.52 20.68
CA GLU B 220 3.91 -25.96 20.89
C GLU B 220 2.75 -26.43 21.77
N ARG B 221 2.26 -25.57 22.67
CA ARG B 221 1.05 -25.92 23.41
C ARG B 221 -0.16 -26.01 22.48
N ALA B 222 -0.23 -25.10 21.50
CA ALA B 222 -1.30 -25.17 20.51
C ALA B 222 -1.19 -26.44 19.67
N LEU B 223 0.03 -26.79 19.25
CA LEU B 223 0.24 -27.99 18.45
C LEU B 223 0.01 -29.25 19.25
N ALA B 224 0.16 -29.20 20.56
CA ALA B 224 -0.02 -30.37 21.42
C ALA B 224 -1.43 -30.52 21.95
N ASP B 225 -2.33 -29.59 21.63
CA ASP B 225 -3.72 -29.60 22.11
C ASP B 225 -3.79 -29.57 23.62
N SER B 226 -2.75 -29.07 24.29
CA SER B 226 -2.71 -29.08 25.75
C SER B 226 -3.32 -27.83 26.36
N CYS B 227 -3.25 -26.69 25.68
CA CYS B 227 -3.84 -25.44 26.15
C CYS B 227 -4.86 -24.99 25.13
N THR B 228 -6.13 -24.96 25.53
CA THR B 228 -7.19 -24.55 24.62
C THR B 228 -7.04 -23.09 24.20
N ASP B 229 -6.51 -22.25 25.09
CA ASP B 229 -6.29 -20.85 24.74
C ASP B 229 -5.15 -20.69 23.74
N CYS B 230 -4.13 -21.55 23.83
CA CYS B 230 -2.99 -21.44 22.91
C CYS B 230 -3.41 -21.77 21.47
N ARG B 231 -4.21 -22.81 21.29
CA ARG B 231 -4.69 -23.14 19.95
C ARG B 231 -5.66 -22.09 19.44
N ARG B 232 -6.44 -21.48 20.34
CA ARG B 232 -7.35 -20.42 19.94
C ARG B 232 -6.59 -19.20 19.43
N ALA B 233 -5.51 -18.83 20.11
CA ALA B 233 -4.73 -17.66 19.69
C ALA B 233 -3.99 -17.93 18.38
N LEU B 234 -3.43 -19.14 18.22
CA LEU B 234 -2.71 -19.45 16.99
C LEU B 234 -3.65 -19.48 15.79
N SER B 235 -4.86 -20.02 15.97
CA SER B 235 -5.83 -20.00 14.89
C SER B 235 -6.22 -18.58 14.52
N LEU B 236 -6.44 -17.73 15.51
CA LEU B 236 -6.76 -16.32 15.24
C LEU B 236 -5.60 -15.60 14.58
N PHE B 237 -4.37 -15.95 14.96
CA PHE B 237 -3.19 -15.35 14.32
C PHE B 237 -3.16 -15.66 12.83
N CYS B 238 -3.49 -16.90 12.47
CA CYS B 238 -3.52 -17.26 11.05
C CYS B 238 -4.63 -16.53 10.31
N VAL B 239 -5.80 -16.39 10.93
CA VAL B 239 -6.90 -15.66 10.30
C VAL B 239 -6.52 -14.20 10.10
N ILE B 240 -5.92 -13.58 11.12
CA ILE B 240 -5.52 -12.18 11.00
C ILE B 240 -4.42 -12.00 9.97
N MET B 241 -3.52 -12.99 9.84
CA MET B 241 -2.50 -12.92 8.80
C MET B 241 -3.14 -12.89 7.41
N GLY B 242 -4.20 -13.67 7.21
CA GLY B 242 -4.90 -13.64 5.93
C GLY B 242 -5.55 -12.30 5.66
N ARG B 243 -6.30 -11.78 6.64
CA ARG B 243 -6.96 -10.49 6.48
C ARG B 243 -5.96 -9.40 6.15
N PHE B 244 -4.82 -9.38 6.85
CA PHE B 244 -3.79 -8.38 6.59
C PHE B 244 -3.25 -8.52 5.17
N GLY B 245 -2.89 -9.74 4.78
CA GLY B 245 -2.38 -9.96 3.42
C GLY B 245 -3.39 -9.58 2.36
N GLY B 246 -4.68 -9.85 2.61
CA GLY B 246 -5.70 -9.48 1.66
C GLY B 246 -5.80 -7.99 1.46
N ASN B 247 -5.64 -7.21 2.54
CA ASN B 247 -5.64 -5.76 2.42
C ASN B 247 -4.48 -5.27 1.57
N LEU B 248 -3.30 -5.89 1.74
CA LEU B 248 -2.14 -5.51 0.94
C LEU B 248 -2.40 -5.69 -0.55
N ALA B 249 -3.01 -6.82 -0.92
CA ALA B 249 -3.26 -7.11 -2.34
C ALA B 249 -4.29 -6.14 -2.91
N LEU B 250 -5.32 -5.80 -2.12
CA LEU B 250 -6.32 -4.85 -2.59
C LEU B 250 -5.70 -3.46 -2.79
N ASN B 251 -4.78 -3.08 -1.89
CA ASN B 251 -4.30 -1.69 -1.88
C ASN B 251 -3.39 -1.41 -3.07
N LEU B 252 -2.53 -2.37 -3.45
CA LEU B 252 -1.57 -2.14 -4.52
C LEU B 252 -1.79 -3.02 -5.74
N GLY B 253 -2.88 -3.78 -5.79
CA GLY B 253 -3.18 -4.60 -6.95
C GLY B 253 -2.08 -5.59 -7.27
N THR B 254 -1.63 -6.33 -6.26
CA THR B 254 -0.42 -7.13 -6.33
C THR B 254 -0.72 -8.48 -6.98
N PHE B 255 -0.95 -8.45 -8.29
CA PHE B 255 -1.18 -9.68 -9.04
C PHE B 255 0.11 -10.43 -9.33
N GLY B 256 1.26 -9.85 -9.03
CA GLY B 256 2.50 -10.60 -9.04
C GLY B 256 2.65 -11.55 -7.87
N GLY B 257 1.79 -11.41 -6.85
CA GLY B 257 1.77 -12.33 -5.73
C GLY B 257 1.93 -11.68 -4.37
N VAL B 258 1.46 -12.38 -3.34
CA VAL B 258 1.70 -12.00 -1.95
C VAL B 258 2.66 -13.02 -1.35
N PHE B 259 3.76 -12.53 -0.78
CA PHE B 259 4.82 -13.39 -0.28
C PHE B 259 4.94 -13.23 1.23
N ILE B 260 4.99 -14.36 1.93
CA ILE B 260 5.25 -14.39 3.36
C ILE B 260 6.72 -14.70 3.57
N ALA B 261 7.41 -13.86 4.34
CA ALA B 261 8.86 -13.93 4.48
C ALA B 261 9.20 -14.56 5.82
N GLY B 262 9.28 -15.89 5.83
CA GLY B 262 9.76 -16.64 6.98
C GLY B 262 9.06 -16.32 8.28
N GLY B 263 9.85 -15.91 9.28
CA GLY B 263 9.27 -15.55 10.56
C GLY B 263 8.89 -16.76 11.40
N ILE B 264 7.84 -16.58 12.20
CA ILE B 264 7.37 -17.64 13.09
C ILE B 264 6.42 -18.61 12.40
N VAL B 265 5.95 -18.28 11.20
CA VAL B 265 5.01 -19.17 10.49
C VAL B 265 5.60 -20.56 10.26
N PRO B 266 6.86 -20.72 9.84
CA PRO B 266 7.39 -22.09 9.63
C PRO B 266 7.41 -22.93 10.90
N ARG B 267 7.33 -22.33 12.09
CA ARG B 267 7.30 -23.12 13.32
C ARG B 267 6.01 -23.92 13.46
N PHE B 268 4.93 -23.51 12.78
CA PHE B 268 3.66 -24.24 12.79
C PHE B 268 3.12 -24.36 11.37
N LEU B 269 3.98 -24.81 10.46
CA LEU B 269 3.62 -24.85 9.04
C LEU B 269 2.39 -25.73 8.80
N GLU B 270 2.35 -26.90 9.43
CA GLU B 270 1.22 -27.80 9.24
C GLU B 270 -0.06 -27.18 9.80
N PHE B 271 0.02 -26.57 10.98
CA PHE B 271 -1.14 -25.89 11.55
C PHE B 271 -1.57 -24.72 10.68
N PHE B 272 -0.61 -23.96 10.16
CA PHE B 272 -0.91 -22.85 9.26
C PHE B 272 -1.56 -23.34 7.97
N LYS B 273 -1.18 -24.52 7.51
CA LYS B 273 -1.71 -25.05 6.25
C LYS B 273 -3.20 -25.33 6.34
N ALA B 274 -3.69 -25.71 7.52
CA ALA B 274 -5.07 -26.12 7.70
C ALA B 274 -5.94 -25.03 8.30
N SER B 275 -5.43 -23.81 8.46
CA SER B 275 -6.16 -22.75 9.11
C SER B 275 -7.06 -22.02 8.10
N GLY B 276 -7.72 -20.96 8.58
CA GLY B 276 -8.56 -20.14 7.73
C GLY B 276 -7.81 -18.96 7.16
N PHE B 277 -6.51 -19.16 6.90
CA PHE B 277 -5.67 -18.08 6.38
C PHE B 277 -6.17 -17.60 5.02
N ARG B 278 -6.35 -18.53 4.08
CA ARG B 278 -6.81 -18.16 2.75
C ARG B 278 -8.25 -17.67 2.76
N ALA B 279 -9.09 -18.24 3.64
CA ALA B 279 -10.48 -17.79 3.74
C ALA B 279 -10.55 -16.33 4.20
N ALA B 280 -9.75 -15.97 5.21
CA ALA B 280 -9.73 -14.58 5.66
C ALA B 280 -9.02 -13.69 4.65
N PHE B 281 -8.10 -14.25 3.87
CA PHE B 281 -7.44 -13.48 2.81
C PHE B 281 -8.45 -13.01 1.77
N GLU B 282 -9.46 -13.84 1.48
CA GLU B 282 -10.46 -13.54 0.46
C GLU B 282 -11.76 -12.99 1.03
N ASP B 283 -11.85 -12.80 2.35
CA ASP B 283 -13.09 -12.33 2.99
C ASP B 283 -13.19 -10.81 2.83
N LYS B 284 -13.37 -10.38 1.59
CA LYS B 284 -13.28 -8.97 1.22
C LYS B 284 -14.58 -8.45 0.62
N GLY B 285 -15.72 -9.00 1.05
CA GLY B 285 -17.00 -8.49 0.58
C GLY B 285 -17.17 -8.66 -0.91
N ARG B 286 -17.52 -7.55 -1.58
CA ARG B 286 -17.73 -7.58 -3.03
C ARG B 286 -16.46 -7.94 -3.79
N PHE B 287 -15.30 -7.76 -3.18
CA PHE B 287 -14.02 -7.90 -3.88
C PHE B 287 -13.28 -9.17 -3.47
N LYS B 288 -14.03 -10.20 -3.07
CA LYS B 288 -13.44 -11.53 -2.98
C LYS B 288 -12.95 -11.98 -4.35
N GLU B 289 -13.73 -11.74 -5.39
CA GLU B 289 -13.33 -12.09 -6.75
C GLU B 289 -12.08 -11.33 -7.21
N TYR B 290 -11.79 -10.18 -6.61
CA TYR B 290 -10.60 -9.43 -6.98
C TYR B 290 -9.33 -10.13 -6.52
N VAL B 291 -9.30 -10.56 -5.26
CA VAL B 291 -8.12 -11.21 -4.69
C VAL B 291 -8.21 -12.72 -4.74
N HIS B 292 -9.27 -13.26 -5.35
CA HIS B 292 -9.48 -14.70 -5.36
C HIS B 292 -8.36 -15.42 -6.11
N ASP B 293 -7.92 -14.86 -7.24
CA ASP B 293 -6.93 -15.52 -8.09
C ASP B 293 -5.49 -15.17 -7.71
N ILE B 294 -5.28 -14.19 -6.85
CA ILE B 294 -3.91 -13.79 -6.49
C ILE B 294 -3.26 -14.88 -5.67
N PRO B 295 -2.09 -15.38 -6.06
CA PRO B 295 -1.42 -16.42 -5.27
C PRO B 295 -0.71 -15.86 -4.06
N VAL B 296 -0.68 -16.66 -3.00
CA VAL B 296 0.08 -16.36 -1.80
C VAL B 296 1.14 -17.44 -1.66
N TYR B 297 2.41 -17.04 -1.62
CA TYR B 297 3.52 -17.96 -1.48
C TYR B 297 4.23 -17.73 -0.15
N LEU B 298 4.70 -18.82 0.45
CA LEU B 298 5.60 -18.76 1.60
C LEU B 298 7.01 -19.09 1.13
N ILE B 299 7.94 -18.19 1.41
CA ILE B 299 9.33 -18.38 0.98
C ILE B 299 10.01 -19.37 1.92
N VAL B 300 10.48 -20.48 1.37
CA VAL B 300 11.18 -21.50 2.13
C VAL B 300 12.66 -21.58 1.76
N HIS B 301 13.14 -20.62 0.97
CA HIS B 301 14.56 -20.54 0.64
C HIS B 301 15.37 -20.31 1.92
N ASP B 302 16.57 -20.91 1.96
CA ASP B 302 17.35 -20.90 3.19
C ASP B 302 17.91 -19.51 3.49
N ASN B 303 18.40 -18.81 2.48
CA ASN B 303 19.07 -17.52 2.67
C ASN B 303 18.54 -16.51 1.66
N PRO B 304 17.31 -16.03 1.83
CA PRO B 304 16.82 -14.97 0.93
C PRO B 304 17.51 -13.63 1.17
N GLY B 305 18.01 -13.40 2.39
CA GLY B 305 18.71 -12.15 2.65
C GLY B 305 20.02 -12.04 1.88
N LEU B 306 20.81 -13.11 1.87
CA LEU B 306 22.04 -13.12 1.08
C LEU B 306 21.74 -13.00 -0.40
N LEU B 307 20.72 -13.72 -0.88
CA LEU B 307 20.36 -13.68 -2.30
C LEU B 307 19.92 -12.29 -2.70
N GLY B 308 19.03 -11.68 -1.92
CA GLY B 308 18.49 -10.38 -2.27
C GLY B 308 19.49 -9.24 -2.09
N SER B 309 20.43 -9.39 -1.17
CA SER B 309 21.50 -8.41 -1.04
C SER B 309 22.35 -8.38 -2.30
N GLY B 310 22.66 -9.56 -2.85
CA GLY B 310 23.41 -9.61 -4.10
C GLY B 310 22.62 -9.05 -5.27
N ALA B 311 21.30 -9.32 -5.30
CA ALA B 311 20.47 -8.78 -6.36
C ALA B 311 20.43 -7.26 -6.32
N HIS B 312 20.28 -6.69 -5.12
CA HIS B 312 20.26 -5.23 -5.00
C HIS B 312 21.61 -4.62 -5.36
N LEU B 313 22.70 -5.26 -4.93
CA LEU B 313 24.03 -4.72 -5.24
C LEU B 313 24.33 -4.78 -6.73
N ARG B 314 23.98 -5.89 -7.38
CA ARG B 314 24.24 -6.02 -8.81
C ARG B 314 23.44 -5.01 -9.62
N GLN B 315 22.18 -4.77 -9.24
CA GLN B 315 21.40 -3.73 -9.90
C GLN B 315 22.00 -2.35 -9.65
N THR B 316 22.54 -2.13 -8.45
CA THR B 316 23.22 -0.88 -8.16
C THR B 316 24.41 -0.69 -9.08
N LEU B 317 25.16 -1.75 -9.34
CA LEU B 317 26.33 -1.69 -10.22
C LEU B 317 25.98 -1.73 -11.70
N GLY B 318 24.71 -1.86 -12.06
CA GLY B 318 24.27 -1.75 -13.44
C GLY B 318 23.80 -3.02 -14.10
N HIS B 319 23.71 -4.13 -13.37
CA HIS B 319 23.23 -5.38 -13.96
C HIS B 319 21.70 -5.42 -13.97
N ILE B 320 21.16 -6.18 -14.91
CA ILE B 320 19.72 -6.35 -15.05
C ILE B 320 19.35 -7.76 -14.64
N LEU B 321 18.51 -7.88 -13.62
CA LEU B 321 18.11 -9.17 -13.08
C LEU B 321 17.05 -9.83 -13.95
P PO4 C . -16.58 -4.42 0.08
O1 PO4 C . -16.78 -2.92 0.04
O2 PO4 C . -15.36 -4.79 -0.73
O3 PO4 C . -17.81 -5.09 -0.49
O4 PO4 C . -16.41 -4.86 1.51
P PO4 D . 2.72 1.57 16.86
O1 PO4 D . 4.07 2.10 16.46
O2 PO4 D . 1.70 2.01 15.86
O3 PO4 D . 2.36 2.10 18.23
O4 PO4 D . 2.79 0.06 16.89
#